data_6DLK
#
_entry.id   6DLK
#
_cell.length_a   79.090
_cell.length_b   97.570
_cell.length_c   115.830
_cell.angle_alpha   90.00
_cell.angle_beta   90.00
_cell.angle_gamma   90.00
#
_symmetry.space_group_name_H-M   'P 21 21 21'
#
loop_
_entity.id
_entity.type
_entity.pdbx_description
1 polymer 'Beta sliding clamp'
2 non-polymer 1,2-ETHANEDIOL
3 water water
#
_entity_poly.entity_id   1
_entity_poly.type   'polypeptide(L)'
_entity_poly.pdbx_seq_one_letter_code
;MAHHHHHHMLKLIVETKTLVQSLGFASSVVEKRNVIPEYANIKLSAQDGNLELSSTNMDLYLSQKIAVQVVSEGECTVST
KTLNDIVRKLPDSELTLTDLGTTGLEIKGKNCKFNLFTLPVSSFPAMDSINPEASFKISCTDFAKIIESTKFSISLDETR
YNLNGVYLHIKDKEFCSASTDGHRLSISWVTLEKQIKNFGVILPQKSAEEILKIVKDPKNINEDIEILLNSNKIKFICNE
NTIMLSKLIDGTFPDYSTFIPESSSSKLVINRKMFADSIERIAIITVEKFRAVKLSLSRETLEISAVGEARGNAKEVINS
SQDKESFYEYNSDESLAIGFNPQYLEDVLKAVKSDLVELYFSDVSAPVLIKFPENPKDIFVVMPVKV
;
_entity_poly.pdbx_strand_id   A,B
#
loop_
_chem_comp.id
_chem_comp.type
_chem_comp.name
_chem_comp.formula
EDO non-polymer 1,2-ETHANEDIOL 'C2 H6 O2'
#
# COMPACT_ATOMS: atom_id res chain seq x y z
N HIS A 8 -0.60 -20.01 -37.54
CA HIS A 8 -0.78 -21.14 -36.64
C HIS A 8 -0.25 -20.87 -35.21
N MET A 9 1.00 -21.25 -34.91
CA MET A 9 1.50 -21.25 -33.53
C MET A 9 2.49 -20.12 -33.37
N LEU A 10 2.16 -19.18 -32.50
CA LEU A 10 3.01 -18.01 -32.22
C LEU A 10 4.40 -18.41 -31.73
N LYS A 11 5.42 -17.66 -32.16
CA LYS A 11 6.75 -17.72 -31.55
C LYS A 11 7.42 -16.37 -31.76
N LEU A 12 7.96 -15.79 -30.68
CA LEU A 12 8.51 -14.44 -30.79
C LEU A 12 9.54 -14.22 -29.70
N ILE A 13 10.43 -13.23 -29.92
CA ILE A 13 11.41 -12.79 -28.92
C ILE A 13 11.11 -11.33 -28.59
N VAL A 14 10.96 -10.99 -27.32
CA VAL A 14 10.50 -9.66 -26.95
C VAL A 14 11.38 -9.12 -25.81
N GLU A 15 11.67 -7.84 -25.87
CA GLU A 15 12.37 -7.17 -24.78
C GLU A 15 11.51 -7.19 -23.51
N THR A 16 12.08 -7.68 -22.42
CA THR A 16 11.30 -7.89 -21.21
C THR A 16 10.70 -6.60 -20.68
N LYS A 17 11.50 -5.53 -20.61
CA LYS A 17 10.97 -4.30 -20.02
C LYS A 17 9.77 -3.78 -20.80
N THR A 18 9.82 -3.90 -22.13
CA THR A 18 8.70 -3.45 -22.94
C THR A 18 7.47 -4.29 -22.70
N LEU A 19 7.67 -5.60 -22.51
CA LEU A 19 6.52 -6.46 -22.26
C LEU A 19 5.93 -6.19 -20.88
N VAL A 20 6.80 -5.94 -19.89
CA VAL A 20 6.33 -5.61 -18.55
C VAL A 20 5.43 -4.36 -18.58
N GLN A 21 5.86 -3.32 -19.31
CA GLN A 21 5.06 -2.09 -19.42
C GLN A 21 3.70 -2.38 -20.06
N SER A 22 3.66 -3.15 -21.16
CA SER A 22 2.36 -3.47 -21.78
C SER A 22 1.48 -4.27 -20.85
N LEU A 23 2.05 -5.24 -20.13
CA LEU A 23 1.24 -6.02 -19.19
C LEU A 23 0.74 -5.16 -18.02
N GLY A 24 1.46 -4.11 -17.63
CA GLY A 24 0.92 -3.21 -16.60
C GLY A 24 -0.38 -2.58 -17.08
N PHE A 25 -0.41 -2.18 -18.34
CA PHE A 25 -1.66 -1.65 -18.92
C PHE A 25 -2.73 -2.72 -18.99
N ALA A 26 -2.37 -3.94 -19.44
CA ALA A 26 -3.35 -5.02 -19.47
C ALA A 26 -3.93 -5.26 -18.09
N SER A 27 -3.07 -5.20 -17.08
CA SER A 27 -3.51 -5.42 -15.70
CA SER A 27 -3.53 -5.42 -15.71
C SER A 27 -4.48 -4.33 -15.26
N SER A 28 -4.32 -3.10 -15.78
CA SER A 28 -5.23 -2.03 -15.34
C SER A 28 -6.59 -2.15 -16.01
N VAL A 29 -6.71 -3.01 -17.03
CA VAL A 29 -7.99 -3.26 -17.69
C VAL A 29 -8.68 -4.48 -17.12
N VAL A 30 -7.90 -5.54 -16.89
CA VAL A 30 -8.50 -6.88 -16.74
C VAL A 30 -9.40 -6.98 -15.50
N GLU A 31 -10.44 -7.80 -15.62
CA GLU A 31 -11.41 -8.08 -14.56
C GLU A 31 -10.78 -8.92 -13.47
N LYS A 32 -10.85 -8.46 -12.22
CA LYS A 32 -10.22 -9.18 -11.11
C LYS A 32 -10.93 -9.01 -9.79
N ARG A 33 -12.20 -8.65 -9.80
CA ARG A 33 -12.91 -8.43 -8.55
C ARG A 33 -13.33 -9.74 -7.86
N ASN A 34 -13.47 -10.84 -8.63
CA ASN A 34 -13.77 -12.19 -8.12
C ASN A 34 -15.10 -12.31 -7.34
N VAL A 35 -16.05 -11.41 -7.50
CA VAL A 35 -17.40 -11.63 -6.96
C VAL A 35 -18.33 -12.34 -7.98
N ILE A 36 -18.32 -11.87 -9.23
CA ILE A 36 -19.15 -12.47 -10.27
C ILE A 36 -18.21 -13.08 -11.32
N PRO A 37 -18.72 -13.89 -12.26
CA PRO A 37 -17.84 -14.43 -13.30
C PRO A 37 -17.16 -13.34 -14.07
N GLU A 38 -15.88 -13.61 -14.40
CA GLU A 38 -15.03 -12.66 -15.07
C GLU A 38 -14.28 -13.38 -16.20
N TYR A 39 -13.91 -12.64 -17.20
CA TYR A 39 -13.04 -13.18 -18.26
C TYR A 39 -11.70 -12.48 -18.08
N ALA A 40 -10.75 -13.25 -17.65
CA ALA A 40 -9.49 -12.78 -17.10
C ALA A 40 -8.30 -12.94 -18.06
N ASN A 41 -8.53 -13.32 -19.31
CA ASN A 41 -7.43 -13.65 -20.20
C ASN A 41 -7.00 -12.45 -21.05
N ILE A 42 -5.78 -12.56 -21.57
CA ILE A 42 -5.21 -11.57 -22.47
C ILE A 42 -5.00 -12.30 -23.79
N LYS A 43 -5.29 -11.63 -24.91
CA LYS A 43 -5.04 -12.23 -26.22
C LYS A 43 -3.70 -11.75 -26.74
N LEU A 44 -2.88 -12.67 -27.23
CA LEU A 44 -1.56 -12.36 -27.79
C LEU A 44 -1.55 -12.71 -29.27
N SER A 45 -1.19 -11.76 -30.13
CA SER A 45 -1.27 -12.00 -31.57
C SER A 45 0.03 -11.53 -32.19
N ALA A 46 0.81 -12.44 -32.76
CA ALA A 46 2.07 -12.10 -33.41
C ALA A 46 1.86 -12.03 -34.93
N GLN A 47 2.07 -10.85 -35.51
CA GLN A 47 1.83 -10.57 -36.92
C GLN A 47 2.69 -9.39 -37.38
N ASP A 48 3.29 -9.51 -38.56
CA ASP A 48 3.97 -8.40 -39.24
C ASP A 48 4.93 -7.65 -38.33
N GLY A 49 5.83 -8.38 -37.67
CA GLY A 49 6.82 -7.78 -36.79
C GLY A 49 6.32 -7.21 -35.47
N ASN A 50 5.02 -7.36 -35.15
CA ASN A 50 4.44 -6.78 -33.94
C ASN A 50 3.78 -7.86 -33.09
N LEU A 51 3.83 -7.67 -31.76
CA LEU A 51 2.97 -8.41 -30.86
C LEU A 51 1.83 -7.49 -30.45
N GLU A 52 0.61 -7.92 -30.73
CA GLU A 52 -0.59 -7.23 -30.27
C GLU A 52 -1.13 -7.90 -29.01
N LEU A 53 -1.26 -7.12 -27.94
CA LEU A 53 -1.81 -7.60 -26.69
C LEU A 53 -3.18 -6.97 -26.48
N SER A 54 -4.22 -7.81 -26.35
CA SER A 54 -5.58 -7.30 -26.25
C SER A 54 -6.16 -7.68 -24.90
N SER A 55 -6.80 -6.73 -24.24
CA SER A 55 -7.43 -6.90 -22.93
C SER A 55 -8.82 -6.29 -22.96
N THR A 56 -9.77 -6.82 -22.18
CA THR A 56 -11.09 -6.22 -22.28
C THR A 56 -11.81 -6.35 -20.96
N ASN A 57 -12.65 -5.38 -20.65
CA ASN A 57 -13.59 -5.58 -19.57
C ASN A 57 -14.95 -5.19 -20.16
N MET A 58 -16.04 -5.12 -19.37
CA MET A 58 -17.36 -4.88 -19.98
C MET A 58 -17.57 -3.44 -20.41
N ASP A 59 -16.62 -2.57 -20.13
CA ASP A 59 -16.66 -1.19 -20.55
C ASP A 59 -15.76 -0.89 -21.74
N LEU A 60 -14.60 -1.56 -21.84
CA LEU A 60 -13.61 -1.11 -22.82
C LEU A 60 -12.82 -2.28 -23.38
N TYR A 61 -12.22 -2.06 -24.56
CA TYR A 61 -11.33 -3.00 -25.23
C TYR A 61 -10.05 -2.25 -25.53
N LEU A 62 -8.91 -2.81 -25.12
CA LEU A 62 -7.60 -2.20 -25.27
C LEU A 62 -6.77 -3.10 -26.18
N SER A 63 -6.17 -2.54 -27.20
CA SER A 63 -5.26 -3.27 -28.07
C SER A 63 -3.94 -2.51 -28.06
N GLN A 64 -2.86 -3.15 -27.64
CA GLN A 64 -1.52 -2.56 -27.66
C GLN A 64 -0.63 -3.36 -28.61
N LYS A 65 0.11 -2.69 -29.46
CA LYS A 65 1.09 -3.32 -30.32
C LYS A 65 2.49 -2.87 -29.94
N ILE A 66 3.40 -3.85 -29.76
CA ILE A 66 4.81 -3.55 -29.52
C ILE A 66 5.67 -4.32 -30.52
N ALA A 67 6.79 -3.72 -30.92
CA ALA A 67 7.66 -4.35 -31.90
C ALA A 67 8.38 -5.51 -31.24
N VAL A 68 8.37 -6.68 -31.87
CA VAL A 68 9.07 -7.86 -31.39
C VAL A 68 9.73 -8.51 -32.61
N GLN A 69 10.56 -9.52 -32.34
CA GLN A 69 11.08 -10.37 -33.39
C GLN A 69 10.10 -11.54 -33.57
N VAL A 70 9.27 -11.49 -34.60
CA VAL A 70 8.29 -12.54 -34.84
C VAL A 70 9.00 -13.68 -35.54
N VAL A 71 9.12 -14.81 -34.84
CA VAL A 71 9.70 -15.99 -35.48
C VAL A 71 8.62 -16.74 -36.21
N SER A 72 7.42 -16.84 -35.62
CA SER A 72 6.29 -17.52 -36.26
C SER A 72 5.01 -16.79 -35.86
N GLU A 73 4.16 -16.51 -36.85
CA GLU A 73 2.93 -15.76 -36.59
C GLU A 73 1.89 -16.67 -35.95
N GLY A 74 0.97 -16.08 -35.19
CA GLY A 74 -0.11 -16.86 -34.59
C GLY A 74 -0.73 -16.07 -33.44
N GLU A 75 -1.73 -16.68 -32.82
CA GLU A 75 -2.39 -16.04 -31.67
C GLU A 75 -2.86 -17.09 -30.66
N CYS A 76 -2.92 -16.66 -29.39
CA CYS A 76 -3.40 -17.52 -28.30
C CYS A 76 -3.88 -16.57 -27.19
N THR A 77 -4.38 -17.14 -26.09
CA THR A 77 -4.82 -16.36 -24.93
C THR A 77 -4.38 -17.07 -23.67
N VAL A 78 -4.00 -16.32 -22.64
CA VAL A 78 -3.58 -16.89 -21.36
C VAL A 78 -4.09 -15.97 -20.25
N SER A 79 -3.91 -16.43 -19.02
CA SER A 79 -4.21 -15.62 -17.82
C SER A 79 -3.39 -14.34 -17.81
N THR A 80 -4.07 -13.19 -17.79
CA THR A 80 -3.34 -11.92 -17.68
C THR A 80 -2.49 -11.86 -16.41
N LYS A 81 -3.10 -12.18 -15.28
CA LYS A 81 -2.40 -12.04 -14.00
C LYS A 81 -1.18 -12.95 -13.91
N THR A 82 -1.33 -14.21 -14.33
CA THR A 82 -0.18 -15.13 -14.27
C THR A 82 0.96 -14.67 -15.18
N LEU A 83 0.63 -14.31 -16.42
CA LEU A 83 1.65 -13.78 -17.32
C LEU A 83 2.32 -12.55 -16.74
N ASN A 84 1.51 -11.59 -16.27
CA ASN A 84 2.08 -10.38 -15.66
C ASN A 84 2.97 -10.75 -14.48
N ASP A 85 2.47 -11.62 -13.59
CA ASP A 85 3.25 -11.94 -12.38
C ASP A 85 4.57 -12.59 -12.72
N ILE A 86 4.58 -13.50 -13.70
CA ILE A 86 5.85 -14.18 -14.01
C ILE A 86 6.83 -13.23 -14.67
N VAL A 87 6.37 -12.50 -15.70
CA VAL A 87 7.30 -11.70 -16.50
C VAL A 87 7.96 -10.63 -15.63
N ARG A 88 7.23 -10.08 -14.65
CA ARG A 88 7.81 -9.09 -13.73
C ARG A 88 8.90 -9.68 -12.85
N LYS A 89 9.00 -10.99 -12.74
CA LYS A 89 10.06 -11.55 -11.91
C LYS A 89 11.19 -12.18 -12.72
N LEU A 90 11.17 -12.08 -14.02
CA LEU A 90 12.26 -12.68 -14.79
C LEU A 90 13.41 -11.71 -14.95
N PRO A 91 14.67 -12.11 -14.72
CA PRO A 91 15.78 -11.16 -14.85
C PRO A 91 16.25 -10.93 -16.30
N ASP A 92 15.84 -11.77 -17.25
CA ASP A 92 16.41 -11.70 -18.59
C ASP A 92 16.07 -10.40 -19.28
N SER A 93 17.00 -9.89 -20.09
CA SER A 93 16.72 -8.68 -20.85
C SER A 93 15.72 -8.97 -21.99
N GLU A 94 15.62 -10.22 -22.45
CA GLU A 94 14.60 -10.58 -23.44
C GLU A 94 14.08 -11.97 -23.15
N LEU A 95 12.87 -12.23 -23.62
CA LEU A 95 12.21 -13.50 -23.41
C LEU A 95 11.73 -14.05 -24.73
N THR A 96 11.63 -15.37 -24.77
CA THR A 96 11.00 -16.05 -25.91
C THR A 96 9.63 -16.55 -25.48
N LEU A 97 8.61 -16.23 -26.26
CA LEU A 97 7.25 -16.74 -26.10
C LEU A 97 6.93 -17.68 -27.26
N THR A 98 6.50 -18.90 -26.95
CA THR A 98 6.19 -19.94 -27.97
C THR A 98 4.90 -20.65 -27.57
N ASP A 99 3.91 -20.62 -28.45
CA ASP A 99 2.70 -21.40 -28.24
C ASP A 99 3.00 -22.86 -28.51
N LEU A 100 3.03 -23.66 -27.47
CA LEU A 100 3.34 -25.08 -27.57
C LEU A 100 2.08 -25.95 -27.58
N GLY A 101 0.92 -25.36 -27.99
CA GLY A 101 -0.28 -26.14 -28.15
C GLY A 101 -0.82 -26.67 -26.84
N THR A 102 -1.02 -27.99 -26.69
CA THR A 102 -1.58 -28.50 -25.42
C THR A 102 -0.63 -28.31 -24.26
N THR A 103 0.67 -28.18 -24.55
CA THR A 103 1.64 -27.97 -23.47
C THR A 103 1.52 -26.56 -22.88
N GLY A 104 0.93 -25.60 -23.61
CA GLY A 104 0.68 -24.23 -23.18
C GLY A 104 1.56 -23.22 -23.89
N LEU A 105 1.41 -21.98 -23.48
CA LEU A 105 2.30 -20.89 -23.93
C LEU A 105 3.56 -20.95 -23.09
N GLU A 106 4.72 -21.12 -23.74
CA GLU A 106 5.98 -21.22 -23.01
C GLU A 106 6.62 -19.85 -22.93
N ILE A 107 6.95 -19.43 -21.72
CA ILE A 107 7.74 -18.22 -21.45
C ILE A 107 9.11 -18.70 -21.06
N LYS A 108 10.12 -18.35 -21.85
CA LYS A 108 11.46 -18.93 -21.70
C LYS A 108 12.49 -17.83 -21.52
N GLY A 109 13.21 -17.88 -20.41
CA GLY A 109 14.41 -17.11 -20.22
C GLY A 109 15.63 -18.03 -20.27
N LYS A 110 16.76 -17.49 -19.83
CA LYS A 110 18.01 -18.24 -19.91
C LYS A 110 17.96 -19.50 -19.05
N ASN A 111 17.47 -19.39 -17.83
CA ASN A 111 17.56 -20.58 -16.97
C ASN A 111 16.20 -21.15 -16.58
N CYS A 112 15.12 -20.67 -17.17
CA CYS A 112 13.80 -20.98 -16.65
CA CYS A 112 13.78 -20.85 -16.64
C CYS A 112 12.79 -21.07 -17.79
N LYS A 113 11.78 -21.90 -17.56
CA LYS A 113 10.68 -22.08 -18.51
C LYS A 113 9.40 -22.13 -17.70
N PHE A 114 8.38 -21.39 -18.12
CA PHE A 114 7.02 -21.48 -17.57
C PHE A 114 6.11 -21.91 -18.72
N ASN A 115 5.23 -22.85 -18.47
CA ASN A 115 4.17 -23.19 -19.41
C ASN A 115 2.86 -22.70 -18.83
N LEU A 116 2.16 -21.81 -19.56
CA LEU A 116 0.84 -21.33 -19.14
C LEU A 116 -0.21 -21.97 -20.04
N PHE A 117 -1.18 -22.64 -19.44
CA PHE A 117 -2.25 -23.20 -20.23
C PHE A 117 -3.03 -22.10 -20.95
N THR A 118 -3.37 -22.36 -22.21
CA THR A 118 -4.11 -21.38 -23.02
C THR A 118 -5.61 -21.66 -23.03
N LEU A 119 -6.39 -20.66 -23.41
CA LEU A 119 -7.78 -20.87 -23.73
C LEU A 119 -8.00 -20.50 -25.18
N PRO A 120 -8.96 -21.13 -25.85
CA PRO A 120 -9.12 -20.93 -27.29
C PRO A 120 -9.40 -19.46 -27.60
N VAL A 121 -8.88 -19.00 -28.75
CA VAL A 121 -9.09 -17.63 -29.13
C VAL A 121 -10.57 -17.31 -29.30
N SER A 122 -11.38 -18.30 -29.70
CA SER A 122 -12.82 -18.05 -29.83
C SER A 122 -13.48 -17.65 -28.50
N SER A 123 -12.84 -17.93 -27.35
CA SER A 123 -13.42 -17.52 -26.07
C SER A 123 -13.16 -16.06 -25.75
N PHE A 124 -12.27 -15.42 -26.44
CA PHE A 124 -11.91 -14.03 -26.17
C PHE A 124 -12.89 -13.10 -26.91
N PRO A 125 -13.46 -12.07 -26.25
CA PRO A 125 -14.50 -11.25 -26.92
C PRO A 125 -13.98 -10.62 -28.21
N ALA A 126 -14.87 -10.55 -29.20
CA ALA A 126 -14.52 -9.93 -30.46
C ALA A 126 -14.27 -8.44 -30.27
N MET A 127 -13.34 -7.91 -31.03
CA MET A 127 -13.11 -6.47 -31.01
C MET A 127 -14.19 -5.82 -31.86
N ASP A 128 -14.94 -4.87 -31.32
CA ASP A 128 -15.97 -4.21 -32.14
C ASP A 128 -15.33 -3.43 -33.28
N SER A 129 -16.04 -3.34 -34.40
CA SER A 129 -15.65 -2.37 -35.40
C SER A 129 -16.46 -1.10 -35.14
N ILE A 130 -15.86 0.04 -35.45
CA ILE A 130 -16.55 1.30 -35.19
C ILE A 130 -16.67 2.01 -36.53
N ASN A 131 -17.88 2.36 -36.87
CA ASN A 131 -18.12 3.17 -38.05
C ASN A 131 -18.40 4.58 -37.51
N PRO A 132 -17.48 5.52 -37.64
CA PRO A 132 -17.65 6.82 -36.99
C PRO A 132 -18.60 7.74 -37.69
N GLU A 133 -19.23 8.60 -36.87
CA GLU A 133 -19.94 9.77 -37.37
C GLU A 133 -19.06 10.99 -37.34
N ALA A 134 -18.05 11.03 -36.49
CA ALA A 134 -17.18 12.19 -36.39
C ALA A 134 -15.80 11.69 -35.98
N SER A 135 -14.78 12.43 -36.37
CA SER A 135 -13.43 12.08 -35.94
C SER A 135 -12.54 13.30 -36.03
N PHE A 136 -11.54 13.35 -35.15
CA PHE A 136 -10.62 14.47 -35.13
C PHE A 136 -9.39 14.02 -34.34
N LYS A 137 -8.35 14.84 -34.36
CA LYS A 137 -7.10 14.60 -33.65
C LYS A 137 -6.78 15.77 -32.73
N ILE A 138 -6.25 15.49 -31.54
CA ILE A 138 -5.74 16.52 -30.66
C ILE A 138 -4.49 15.99 -29.99
N SER A 139 -3.76 16.88 -29.34
CA SER A 139 -2.54 16.42 -28.64
C SER A 139 -2.88 15.62 -27.39
N CYS A 140 -2.03 14.66 -27.07
CA CYS A 140 -2.22 13.94 -25.81
C CYS A 140 -2.12 14.86 -24.61
N THR A 141 -1.30 15.91 -24.68
CA THR A 141 -1.21 16.87 -23.58
C THR A 141 -2.53 17.59 -23.36
N ASP A 142 -3.18 18.04 -24.43
CA ASP A 142 -4.45 18.73 -24.29
C ASP A 142 -5.53 17.78 -23.81
N PHE A 143 -5.53 16.54 -24.30
CA PHE A 143 -6.58 15.61 -23.86
C PHE A 143 -6.39 15.21 -22.40
N ALA A 144 -5.16 14.97 -21.97
CA ALA A 144 -4.94 14.66 -20.56
C ALA A 144 -5.44 15.77 -19.66
N LYS A 145 -5.22 17.02 -20.07
CA LYS A 145 -5.62 18.18 -19.26
CA LYS A 145 -5.61 18.17 -19.25
C LYS A 145 -7.13 18.19 -19.00
N ILE A 146 -7.93 18.05 -20.06
CA ILE A 146 -9.36 18.18 -19.80
C ILE A 146 -9.90 16.99 -19.03
N ILE A 147 -9.25 15.82 -19.14
CA ILE A 147 -9.71 14.67 -18.35
C ILE A 147 -9.27 14.83 -16.91
N GLU A 148 -8.02 15.26 -16.70
CA GLU A 148 -7.50 15.48 -15.35
C GLU A 148 -8.37 16.47 -14.59
N SER A 149 -8.83 17.48 -15.26
CA SER A 149 -9.67 18.52 -14.67
C SER A 149 -11.11 18.11 -14.44
N THR A 150 -11.57 16.97 -14.95
CA THR A 150 -12.98 16.63 -14.79
C THR A 150 -13.24 15.22 -14.24
N LYS A 151 -12.22 14.35 -14.15
CA LYS A 151 -12.52 12.97 -13.78
C LYS A 151 -12.93 12.83 -12.33
N PHE A 152 -12.55 13.77 -11.47
CA PHE A 152 -12.77 13.58 -10.03
C PHE A 152 -14.20 13.90 -9.56
N SER A 153 -15.01 14.57 -10.39
CA SER A 153 -16.37 14.96 -10.00
C SER A 153 -17.44 14.24 -10.82
N ILE A 154 -17.12 13.04 -11.30
CA ILE A 154 -18.11 12.14 -11.87
C ILE A 154 -19.01 11.56 -10.78
N SER A 155 -20.29 11.33 -11.09
CA SER A 155 -21.20 10.71 -10.13
C SER A 155 -20.87 9.24 -9.97
N LEU A 156 -20.96 8.74 -8.74
CA LEU A 156 -20.88 7.32 -8.44
C LEU A 156 -22.25 6.67 -8.26
N ASP A 157 -23.32 7.45 -8.42
CA ASP A 157 -24.69 7.00 -8.21
C ASP A 157 -25.21 6.39 -9.50
N GLU A 158 -25.45 5.07 -9.50
CA GLU A 158 -25.90 4.43 -10.72
C GLU A 158 -27.27 4.90 -11.15
N THR A 159 -28.11 5.35 -10.21
CA THR A 159 -29.44 5.77 -10.64
C THR A 159 -29.34 7.03 -11.49
N ARG A 160 -28.30 7.83 -11.26
CA ARG A 160 -28.07 9.01 -12.09
CA ARG A 160 -28.07 9.01 -12.09
C ARG A 160 -27.16 8.63 -13.25
N TYR A 161 -27.66 7.67 -14.04
CA TYR A 161 -26.82 6.97 -15.01
C TYR A 161 -26.16 7.95 -15.96
N ASN A 162 -26.88 9.02 -16.34
CA ASN A 162 -26.30 9.97 -17.26
C ASN A 162 -25.17 10.80 -16.66
N LEU A 163 -24.95 10.77 -15.34
CA LEU A 163 -23.85 11.49 -14.71
C LEU A 163 -22.63 10.64 -14.41
N ASN A 164 -22.66 9.34 -14.69
CA ASN A 164 -21.57 8.44 -14.37
C ASN A 164 -20.44 8.45 -15.42
N GLY A 165 -20.17 9.59 -16.05
CA GLY A 165 -19.03 9.68 -16.97
C GLY A 165 -18.68 11.13 -17.17
N VAL A 166 -17.77 11.39 -18.11
CA VAL A 166 -17.48 12.76 -18.48
C VAL A 166 -18.20 13.03 -19.79
N TYR A 167 -18.75 14.23 -19.88
CA TYR A 167 -19.48 14.68 -21.06
C TYR A 167 -18.48 15.31 -22.02
N LEU A 168 -18.12 14.58 -23.08
CA LEU A 168 -17.17 15.08 -24.07
C LEU A 168 -17.96 15.70 -25.19
N HIS A 169 -17.69 16.98 -25.47
CA HIS A 169 -18.56 17.65 -26.42
C HIS A 169 -17.84 18.81 -27.08
N ILE A 170 -18.43 19.22 -28.19
CA ILE A 170 -17.96 20.33 -29.00
C ILE A 170 -18.99 21.44 -28.89
N LYS A 171 -18.52 22.66 -28.61
CA LYS A 171 -19.31 23.88 -28.80
C LYS A 171 -18.46 24.83 -29.64
N ASP A 172 -18.87 25.05 -30.88
CA ASP A 172 -18.10 25.85 -31.82
C ASP A 172 -16.72 25.26 -32.08
N LYS A 173 -15.66 25.97 -31.65
CA LYS A 173 -14.29 25.52 -31.86
C LYS A 173 -13.66 24.90 -30.62
N GLU A 174 -14.41 24.77 -29.52
CA GLU A 174 -13.91 24.27 -28.25
C GLU A 174 -14.29 22.81 -28.09
N PHE A 175 -13.29 21.97 -27.79
CA PHE A 175 -13.52 20.60 -27.36
C PHE A 175 -13.49 20.61 -25.83
N CYS A 176 -14.56 20.14 -25.20
CA CYS A 176 -14.76 20.35 -23.79
CA CYS A 176 -14.76 20.35 -23.79
C CYS A 176 -15.10 19.04 -23.08
N SER A 177 -14.75 18.97 -21.82
CA SER A 177 -15.16 17.89 -20.92
C SER A 177 -15.86 18.55 -19.74
N ALA A 178 -17.01 18.00 -19.34
CA ALA A 178 -17.71 18.50 -18.18
C ALA A 178 -18.12 17.31 -17.31
N SER A 179 -18.15 17.50 -16.00
CA SER A 179 -18.62 16.40 -15.15
C SER A 179 -19.35 17.02 -13.96
N THR A 180 -20.30 16.26 -13.42
CA THR A 180 -21.00 16.74 -12.22
C THR A 180 -21.55 15.53 -11.47
N ASP A 181 -21.63 15.65 -10.14
CA ASP A 181 -22.28 14.61 -9.33
C ASP A 181 -23.48 15.16 -8.58
N GLY A 182 -23.98 16.33 -8.98
CA GLY A 182 -25.03 17.03 -8.26
C GLY A 182 -24.53 17.88 -7.13
N HIS A 183 -23.29 17.68 -6.68
CA HIS A 183 -22.73 18.52 -5.62
C HIS A 183 -21.72 19.52 -6.15
N ARG A 184 -21.17 19.28 -7.34
CA ARG A 184 -20.19 20.20 -7.90
C ARG A 184 -20.21 19.99 -9.40
N LEU A 185 -19.60 20.93 -10.11
CA LEU A 185 -19.46 20.88 -11.55
C LEU A 185 -18.01 21.22 -11.90
N SER A 186 -17.42 20.49 -12.87
CA SER A 186 -16.10 20.79 -13.41
C SER A 186 -16.19 20.90 -14.93
N ILE A 187 -15.50 21.89 -15.51
CA ILE A 187 -15.52 22.14 -16.95
C ILE A 187 -14.11 22.48 -17.41
N SER A 188 -13.67 21.84 -18.48
CA SER A 188 -12.31 22.07 -18.96
C SER A 188 -12.29 21.89 -20.46
N TRP A 189 -11.63 22.79 -21.17
CA TRP A 189 -11.71 22.69 -22.61
C TRP A 189 -10.41 23.13 -23.27
N VAL A 190 -10.31 22.81 -24.56
CA VAL A 190 -9.18 23.20 -25.39
C VAL A 190 -9.75 23.67 -26.73
N THR A 191 -9.07 24.65 -27.32
CA THR A 191 -9.52 25.19 -28.60
C THR A 191 -8.97 24.32 -29.72
N LEU A 192 -9.85 23.84 -30.59
CA LEU A 192 -9.47 23.16 -31.81
C LEU A 192 -9.22 24.21 -32.88
N GLU A 193 -8.38 23.88 -33.85
CA GLU A 193 -8.13 24.79 -34.96
C GLU A 193 -9.08 24.55 -36.14
N LYS A 194 -9.52 23.31 -36.32
CA LYS A 194 -10.41 22.93 -37.40
C LYS A 194 -11.84 22.83 -36.87
N GLN A 195 -12.80 23.20 -37.72
CA GLN A 195 -14.21 23.10 -37.39
C GLN A 195 -14.64 21.64 -37.47
N ILE A 196 -15.14 21.10 -36.37
CA ILE A 196 -15.51 19.69 -36.26
C ILE A 196 -17.01 19.64 -36.11
N LYS A 197 -17.62 18.58 -36.65
CA LYS A 197 -19.06 18.37 -36.48
C LYS A 197 -19.42 18.34 -34.99
N ASN A 198 -20.50 19.03 -34.63
CA ASN A 198 -20.90 19.07 -33.23
C ASN A 198 -21.37 17.70 -32.75
N PHE A 199 -20.95 17.35 -31.53
CA PHE A 199 -21.35 16.10 -30.90
C PHE A 199 -21.30 16.31 -29.38
N GLY A 200 -21.92 15.37 -28.68
CA GLY A 200 -21.80 15.31 -27.24
C GLY A 200 -22.07 13.88 -26.79
N VAL A 201 -21.10 13.23 -26.16
CA VAL A 201 -21.22 11.85 -25.72
C VAL A 201 -20.72 11.77 -24.27
N ILE A 202 -21.15 10.74 -23.55
CA ILE A 202 -20.81 10.59 -22.12
C ILE A 202 -19.87 9.39 -21.99
N LEU A 203 -18.62 9.66 -21.64
CA LEU A 203 -17.60 8.60 -21.56
C LEU A 203 -17.57 8.03 -20.15
N PRO A 204 -17.75 6.72 -19.94
CA PRO A 204 -17.82 6.18 -18.57
C PRO A 204 -16.54 6.48 -17.80
N GLN A 205 -16.71 6.59 -16.49
CA GLN A 205 -15.59 6.88 -15.61
C GLN A 205 -14.41 5.92 -15.83
N LYS A 206 -14.70 4.62 -15.87
CA LYS A 206 -13.65 3.61 -16.04
C LYS A 206 -12.85 3.82 -17.32
N SER A 207 -13.52 4.22 -18.41
CA SER A 207 -12.82 4.53 -19.65
C SER A 207 -12.01 5.82 -19.54
N ALA A 208 -12.56 6.84 -18.88
CA ALA A 208 -11.81 8.07 -18.69
C ALA A 208 -10.53 7.79 -17.89
N GLU A 209 -10.61 6.96 -16.85
CA GLU A 209 -9.40 6.63 -16.09
C GLU A 209 -8.37 5.88 -16.94
N GLU A 210 -8.81 4.91 -17.72
CA GLU A 210 -7.84 4.14 -18.52
C GLU A 210 -7.21 5.00 -19.63
N ILE A 211 -7.99 5.83 -20.33
CA ILE A 211 -7.40 6.57 -21.45
C ILE A 211 -6.46 7.66 -20.91
N LEU A 212 -6.74 8.17 -19.69
CA LEU A 212 -5.80 9.12 -19.07
C LEU A 212 -4.47 8.45 -18.78
N LYS A 213 -4.49 7.24 -18.20
CA LYS A 213 -3.26 6.48 -17.98
C LYS A 213 -2.49 6.29 -19.29
N ILE A 214 -3.20 5.97 -20.36
CA ILE A 214 -2.56 5.77 -21.65
C ILE A 214 -1.89 7.05 -22.13
N VAL A 215 -2.64 8.16 -22.21
CA VAL A 215 -2.07 9.35 -22.83
C VAL A 215 -0.97 9.94 -21.94
N LYS A 216 -0.99 9.66 -20.63
CA LYS A 216 0.08 10.17 -19.78
C LYS A 216 1.35 9.31 -19.84
N ASP A 217 1.32 8.13 -20.41
CA ASP A 217 2.56 7.35 -20.54
C ASP A 217 3.66 8.19 -21.20
N PRO A 218 4.92 8.09 -20.75
CA PRO A 218 6.02 8.88 -21.38
C PRO A 218 6.12 8.69 -22.89
N LYS A 219 5.76 7.53 -23.39
CA LYS A 219 5.84 7.31 -24.84
C LYS A 219 4.71 8.01 -25.60
N ASN A 220 3.67 8.46 -24.91
CA ASN A 220 2.49 9.03 -25.57
C ASN A 220 2.23 10.48 -25.22
N ILE A 221 2.75 10.96 -24.09
CA ILE A 221 2.32 12.28 -23.59
C ILE A 221 2.66 13.40 -24.55
N ASN A 222 3.77 13.28 -25.30
CA ASN A 222 4.12 14.34 -26.23
C ASN A 222 3.63 14.08 -27.66
N GLU A 223 2.73 13.09 -27.85
CA GLU A 223 2.24 12.68 -29.14
C GLU A 223 0.77 13.13 -29.34
N ASP A 224 0.08 12.53 -30.31
CA ASP A 224 -1.30 12.88 -30.62
C ASP A 224 -2.24 11.69 -30.40
N ILE A 225 -3.52 11.99 -30.22
CA ILE A 225 -4.52 10.95 -30.07
C ILE A 225 -5.64 11.28 -31.06
N GLU A 226 -6.06 10.27 -31.83
CA GLU A 226 -7.17 10.41 -32.75
C GLU A 226 -8.42 9.90 -32.04
N ILE A 227 -9.50 10.65 -32.18
CA ILE A 227 -10.76 10.30 -31.51
C ILE A 227 -11.80 10.12 -32.60
N LEU A 228 -12.43 8.95 -32.63
CA LEU A 228 -13.46 8.60 -33.60
C LEU A 228 -14.70 8.11 -32.83
N LEU A 229 -15.88 8.60 -33.20
CA LEU A 229 -17.01 8.25 -32.35
C LEU A 229 -18.29 8.26 -33.18
N ASN A 230 -19.26 7.50 -32.68
CA ASN A 230 -20.65 7.72 -33.09
C ASN A 230 -21.48 7.82 -31.80
N SER A 231 -22.80 7.68 -31.86
CA SER A 231 -23.59 7.86 -30.65
CA SER A 231 -23.55 7.88 -30.64
C SER A 231 -23.49 6.67 -29.70
N ASN A 232 -22.95 5.54 -30.17
CA ASN A 232 -22.93 4.35 -29.33
C ASN A 232 -21.56 3.98 -28.82
N LYS A 233 -20.49 4.27 -29.58
CA LYS A 233 -19.15 3.83 -29.17
C LYS A 233 -18.14 4.91 -29.53
N ILE A 234 -16.99 4.84 -28.88
CA ILE A 234 -15.92 5.79 -29.16
C ILE A 234 -14.61 5.02 -29.25
N LYS A 235 -13.77 5.42 -30.20
CA LYS A 235 -12.46 4.79 -30.40
C LYS A 235 -11.36 5.81 -30.23
N PHE A 236 -10.35 5.46 -29.44
CA PHE A 236 -9.14 6.26 -29.28
C PHE A 236 -7.97 5.55 -29.94
N ILE A 237 -7.23 6.27 -30.81
CA ILE A 237 -5.96 5.76 -31.34
C ILE A 237 -4.89 6.69 -30.80
N CYS A 238 -4.14 6.21 -29.84
CA CYS A 238 -3.16 7.03 -29.16
C CYS A 238 -1.79 6.72 -29.77
N ASN A 239 -1.20 7.68 -30.48
CA ASN A 239 0.17 7.51 -31.02
C ASN A 239 0.26 6.24 -31.88
N GLU A 240 -0.76 6.04 -32.74
CA GLU A 240 -0.82 4.98 -33.76
C GLU A 240 -0.97 3.56 -33.21
N ASN A 241 -0.15 3.15 -32.21
CA ASN A 241 -0.04 1.72 -31.86
C ASN A 241 -0.91 1.28 -30.68
N THR A 242 -1.66 2.18 -30.05
CA THR A 242 -2.55 1.80 -28.94
C THR A 242 -3.98 2.21 -29.28
N ILE A 243 -4.88 1.25 -29.27
CA ILE A 243 -6.27 1.50 -29.63
C ILE A 243 -7.11 1.15 -28.43
N MET A 244 -7.98 2.07 -28.01
CA MET A 244 -8.93 1.76 -26.93
C MET A 244 -10.33 2.02 -27.44
N LEU A 245 -11.19 1.02 -27.37
CA LEU A 245 -12.61 1.14 -27.69
C LEU A 245 -13.43 1.21 -26.40
N SER A 246 -14.43 2.10 -26.37
CA SER A 246 -15.23 2.24 -25.16
C SER A 246 -16.69 2.33 -25.48
N LYS A 247 -17.49 1.74 -24.59
CA LYS A 247 -18.92 2.01 -24.63
C LYS A 247 -19.17 3.46 -24.23
N LEU A 248 -20.31 3.97 -24.64
CA LEU A 248 -20.80 5.29 -24.20
C LEU A 248 -22.04 5.10 -23.34
N ILE A 249 -22.22 6.00 -22.39
CA ILE A 249 -23.39 5.99 -21.52
C ILE A 249 -24.59 6.56 -22.29
N ASP A 250 -25.64 5.79 -22.40
CA ASP A 250 -26.84 6.21 -23.13
C ASP A 250 -27.66 7.11 -22.21
N GLY A 251 -27.68 8.40 -22.50
CA GLY A 251 -28.43 9.34 -21.70
C GLY A 251 -28.09 10.75 -22.16
N THR A 252 -28.69 11.70 -21.47
CA THR A 252 -28.60 13.13 -21.81
C THR A 252 -27.94 13.89 -20.67
N PHE A 253 -26.75 14.43 -20.94
CA PHE A 253 -26.09 15.21 -19.90
C PHE A 253 -26.85 16.52 -19.69
N PRO A 254 -27.01 17.00 -18.45
CA PRO A 254 -27.81 18.22 -18.26
C PRO A 254 -27.13 19.45 -18.83
N ASP A 255 -27.96 20.48 -19.04
CA ASP A 255 -27.52 21.80 -19.44
C ASP A 255 -26.83 22.44 -18.24
N TYR A 256 -25.51 22.32 -18.17
CA TYR A 256 -24.80 22.76 -16.98
C TYR A 256 -24.54 24.25 -16.97
N SER A 257 -24.79 24.94 -18.08
CA SER A 257 -24.51 26.35 -18.13
C SER A 257 -25.30 27.13 -17.09
N THR A 258 -26.44 26.60 -16.65
CA THR A 258 -27.24 27.22 -15.61
C THR A 258 -26.57 27.17 -14.25
N PHE A 259 -25.62 26.26 -14.05
CA PHE A 259 -25.01 26.03 -12.75
C PHE A 259 -23.93 27.06 -12.42
N ILE A 260 -23.36 27.74 -13.41
CA ILE A 260 -22.26 28.66 -13.17
C ILE A 260 -22.79 29.98 -12.63
N PRO A 261 -22.34 30.46 -11.47
CA PRO A 261 -22.89 31.73 -10.96
C PRO A 261 -22.62 32.86 -11.94
N GLU A 262 -23.68 33.64 -12.22
CA GLU A 262 -23.57 34.81 -13.10
C GLU A 262 -22.87 36.00 -12.40
N SER A 263 -22.95 36.08 -11.07
CA SER A 263 -22.31 37.18 -10.35
C SER A 263 -21.91 36.71 -8.96
N SER A 264 -21.06 37.51 -8.33
CA SER A 264 -20.49 37.22 -7.03
C SER A 264 -20.50 38.46 -6.15
N SER A 265 -20.67 38.25 -4.83
CA SER A 265 -20.66 39.33 -3.86
C SER A 265 -19.30 39.53 -3.21
N SER A 266 -18.45 38.50 -3.19
CA SER A 266 -17.12 38.68 -2.65
C SER A 266 -16.18 37.71 -3.36
N LYS A 267 -14.89 38.03 -3.30
CA LYS A 267 -13.87 37.26 -4.00
C LYS A 267 -12.67 37.07 -3.09
N LEU A 268 -12.19 35.81 -3.04
CA LEU A 268 -11.01 35.41 -2.29
C LEU A 268 -9.89 35.06 -3.26
N VAL A 269 -8.69 35.56 -3.02
CA VAL A 269 -7.48 35.12 -3.70
C VAL A 269 -6.53 34.61 -2.63
N ILE A 270 -5.96 33.42 -2.84
CA ILE A 270 -5.18 32.75 -1.80
C ILE A 270 -4.17 31.81 -2.45
N ASN A 271 -3.04 31.62 -1.76
CA ASN A 271 -2.06 30.65 -2.24
C ASN A 271 -2.66 29.24 -2.25
N ARG A 272 -2.55 28.57 -3.40
CA ARG A 272 -3.26 27.31 -3.63
C ARG A 272 -2.79 26.23 -2.69
N LYS A 273 -1.46 26.00 -2.62
CA LYS A 273 -0.95 24.91 -1.77
C LYS A 273 -1.20 25.21 -0.29
N MET A 274 -1.03 26.47 0.12
CA MET A 274 -1.31 26.83 1.51
C MET A 274 -2.77 26.52 1.85
N PHE A 275 -3.69 26.94 1.00
CA PHE A 275 -5.11 26.69 1.21
C PHE A 275 -5.38 25.19 1.28
N ALA A 276 -4.82 24.46 0.31
CA ALA A 276 -5.04 23.01 0.22
C ALA A 276 -4.50 22.28 1.44
N ASP A 277 -3.29 22.65 1.89
CA ASP A 277 -2.69 22.01 3.06
C ASP A 277 -3.49 22.31 4.32
N SER A 278 -4.01 23.53 4.46
CA SER A 278 -4.75 23.90 5.66
C SER A 278 -6.07 23.15 5.75
N ILE A 279 -6.80 23.08 4.62
CA ILE A 279 -8.06 22.34 4.57
C ILE A 279 -7.85 20.89 4.97
N GLU A 280 -6.84 20.26 4.40
CA GLU A 280 -6.61 18.84 4.66
C GLU A 280 -6.28 18.61 6.12
N ARG A 281 -5.47 19.48 6.70
CA ARG A 281 -5.14 19.43 8.11
C ARG A 281 -6.40 19.54 8.97
N ILE A 282 -7.21 20.57 8.75
CA ILE A 282 -8.39 20.78 9.58
C ILE A 282 -9.41 19.66 9.39
N ALA A 283 -9.52 19.13 8.17
CA ALA A 283 -10.48 18.07 7.91
C ALA A 283 -10.15 16.79 8.65
N ILE A 284 -8.93 16.66 9.19
CA ILE A 284 -8.52 15.44 9.90
C ILE A 284 -9.48 15.14 11.05
N ILE A 285 -10.01 16.18 11.70
CA ILE A 285 -10.85 15.97 12.88
C ILE A 285 -12.22 15.42 12.51
N THR A 286 -12.63 15.55 11.24
CA THR A 286 -13.99 15.20 10.85
C THR A 286 -14.18 13.69 10.81
N VAL A 287 -15.44 13.27 10.83
CA VAL A 287 -15.83 11.87 10.58
C VAL A 287 -16.60 11.82 9.26
N GLU A 288 -16.74 10.59 8.74
CA GLU A 288 -17.38 10.38 7.43
C GLU A 288 -18.82 10.86 7.43
N LYS A 289 -19.54 10.75 8.55
CA LYS A 289 -20.94 11.15 8.56
C LYS A 289 -21.12 12.66 8.40
N PHE A 290 -20.07 13.45 8.55
CA PHE A 290 -20.20 14.92 8.46
C PHE A 290 -18.86 15.46 7.98
N ARG A 291 -18.59 15.30 6.68
CA ARG A 291 -17.38 15.84 6.07
C ARG A 291 -17.63 17.30 5.70
N ALA A 292 -17.23 18.20 6.59
CA ALA A 292 -17.45 19.62 6.38
C ALA A 292 -16.33 20.40 7.04
N VAL A 293 -15.86 21.43 6.37
CA VAL A 293 -15.03 22.45 6.98
C VAL A 293 -15.76 23.77 6.82
N LYS A 294 -15.56 24.67 7.79
CA LYS A 294 -16.15 26.00 7.77
C LYS A 294 -15.06 27.02 7.41
N LEU A 295 -15.34 27.83 6.41
CA LEU A 295 -14.50 28.95 6.04
C LEU A 295 -15.12 30.20 6.65
N SER A 296 -14.43 30.82 7.60
CA SER A 296 -14.84 32.11 8.18
C SER A 296 -13.98 33.18 7.54
N LEU A 297 -14.52 33.85 6.55
CA LEU A 297 -13.76 34.75 5.69
C LEU A 297 -13.94 36.18 6.18
N SER A 298 -12.83 36.90 6.26
CA SER A 298 -12.83 38.34 6.45
C SER A 298 -11.56 38.88 5.80
N ARG A 299 -11.51 40.21 5.68
CA ARG A 299 -10.36 40.88 5.08
C ARG A 299 -9.07 40.61 5.86
N GLU A 300 -9.17 40.54 7.19
CA GLU A 300 -7.98 40.37 8.04
C GLU A 300 -7.53 38.92 8.09
N THR A 301 -8.45 37.99 8.34
CA THR A 301 -8.06 36.59 8.49
C THR A 301 -9.10 35.68 7.85
N LEU A 302 -8.67 34.46 7.53
CA LEU A 302 -9.55 33.34 7.28
C LEU A 302 -9.33 32.28 8.35
N GLU A 303 -10.41 31.86 8.99
CA GLU A 303 -10.41 30.78 9.98
C GLU A 303 -11.08 29.59 9.33
N ILE A 304 -10.33 28.50 9.18
CA ILE A 304 -10.84 27.24 8.70
C ILE A 304 -11.03 26.35 9.93
N SER A 305 -12.25 25.86 10.16
CA SER A 305 -12.56 25.09 11.36
C SER A 305 -13.41 23.89 11.01
N ALA A 306 -13.46 22.93 11.92
CA ALA A 306 -14.26 21.72 11.72
C ALA A 306 -14.47 21.07 13.07
N VAL A 307 -15.44 20.17 13.12
CA VAL A 307 -15.72 19.40 14.31
C VAL A 307 -15.87 17.96 13.89
N GLY A 308 -15.64 17.06 14.85
CA GLY A 308 -15.86 15.63 14.67
C GLY A 308 -16.46 15.02 15.93
N GLU A 309 -17.64 14.42 15.78
CA GLU A 309 -18.34 13.79 16.89
C GLU A 309 -17.43 12.77 17.57
N ALA A 310 -17.35 12.85 18.90
CA ALA A 310 -16.51 12.01 19.75
C ALA A 310 -15.01 12.14 19.44
N ARG A 311 -14.61 13.16 18.70
CA ARG A 311 -13.19 13.40 18.41
C ARG A 311 -12.73 14.75 18.94
N GLY A 312 -13.36 15.82 18.49
CA GLY A 312 -13.00 17.13 18.99
C GLY A 312 -13.27 18.16 17.91
N ASN A 313 -12.46 19.22 17.90
CA ASN A 313 -12.63 20.25 16.88
C ASN A 313 -11.25 20.76 16.51
N ALA A 314 -11.20 21.64 15.51
CA ALA A 314 -9.94 22.13 14.99
C ALA A 314 -10.16 23.47 14.33
N LYS A 315 -9.13 24.30 14.36
CA LYS A 315 -9.18 25.64 13.79
C LYS A 315 -7.78 26.05 13.36
N GLU A 316 -7.65 26.59 12.15
CA GLU A 316 -6.41 27.15 11.63
C GLU A 316 -6.68 28.56 11.11
N VAL A 317 -5.73 29.46 11.37
CA VAL A 317 -5.85 30.87 11.03
C VAL A 317 -4.86 31.20 9.93
N ILE A 318 -5.35 31.81 8.86
CA ILE A 318 -4.54 32.31 7.77
C ILE A 318 -4.73 33.81 7.78
N ASN A 319 -3.61 34.54 7.89
CA ASN A 319 -3.67 36.00 7.95
C ASN A 319 -3.50 36.61 6.56
N SER A 320 -4.03 37.82 6.38
CA SER A 320 -3.81 38.55 5.12
C SER A 320 -2.33 38.72 4.87
N SER A 321 -1.93 38.57 3.61
CA SER A 321 -0.53 38.55 3.22
C SER A 321 -0.42 38.77 1.71
N GLN A 322 0.59 39.53 1.30
CA GLN A 322 0.92 39.77 -0.11
C GLN A 322 2.15 38.98 -0.57
N ASP A 323 2.78 38.20 0.31
CA ASP A 323 3.86 37.32 -0.14
C ASP A 323 3.26 36.16 -0.92
N LYS A 324 3.85 35.86 -2.09
CA LYS A 324 3.28 34.83 -2.96
C LYS A 324 3.11 33.52 -2.21
N GLU A 325 4.12 33.12 -1.43
CA GLU A 325 4.05 31.82 -0.79
C GLU A 325 2.97 31.77 0.29
N SER A 326 2.54 32.92 0.84
CA SER A 326 1.52 32.93 1.89
C SER A 326 0.31 33.80 1.54
N PHE A 327 0.10 34.04 0.25
CA PHE A 327 -0.85 35.03 -0.23
C PHE A 327 -2.27 34.78 0.26
N TYR A 328 -2.91 35.85 0.71
CA TYR A 328 -4.33 35.85 1.08
C TYR A 328 -4.86 37.26 0.95
N GLU A 329 -5.96 37.40 0.22
CA GLU A 329 -6.62 38.69 0.06
C GLU A 329 -8.10 38.41 -0.12
N TYR A 330 -8.92 38.99 0.75
CA TYR A 330 -10.37 38.85 0.69
C TYR A 330 -10.95 40.25 0.59
N ASN A 331 -11.64 40.55 -0.52
CA ASN A 331 -11.94 41.90 -1.00
C ASN A 331 -13.22 42.48 -0.41
N SER A 332 -13.52 42.28 0.87
CA SER A 332 -14.81 42.69 1.36
C SER A 332 -14.73 43.16 2.82
N ASP A 333 -15.48 44.22 3.13
CA ASP A 333 -15.65 44.66 4.50
C ASP A 333 -16.61 43.74 5.27
N GLU A 334 -17.43 42.94 4.57
CA GLU A 334 -18.34 42.01 5.22
C GLU A 334 -17.68 40.66 5.44
N SER A 335 -18.14 39.94 6.48
CA SER A 335 -17.70 38.58 6.78
C SER A 335 -18.63 37.53 6.18
N LEU A 336 -18.07 36.35 5.88
CA LEU A 336 -18.82 35.24 5.32
C LEU A 336 -18.38 33.94 5.96
N ALA A 337 -19.34 33.20 6.55
CA ALA A 337 -19.14 31.89 7.17
C ALA A 337 -19.93 30.87 6.38
N ILE A 338 -19.22 30.02 5.65
CA ILE A 338 -19.82 29.13 4.68
C ILE A 338 -19.05 27.80 4.71
N GLY A 339 -19.78 26.69 4.61
CA GLY A 339 -19.22 25.37 4.74
C GLY A 339 -19.12 24.64 3.40
N PHE A 340 -18.14 23.76 3.30
CA PHE A 340 -17.92 22.92 2.13
C PHE A 340 -17.43 21.56 2.59
N ASN A 341 -17.74 20.55 1.79
CA ASN A 341 -17.07 19.25 1.91
C ASN A 341 -15.60 19.45 1.56
N PRO A 342 -14.67 19.19 2.48
CA PRO A 342 -13.25 19.43 2.17
C PRO A 342 -12.71 18.59 1.02
N GLN A 343 -13.18 17.36 0.82
CA GLN A 343 -12.72 16.59 -0.35
C GLN A 343 -13.04 17.32 -1.65
N TYR A 344 -14.23 17.96 -1.72
CA TYR A 344 -14.61 18.61 -2.98
C TYR A 344 -13.76 19.83 -3.25
N LEU A 345 -13.30 20.53 -2.21
CA LEU A 345 -12.38 21.63 -2.43
C LEU A 345 -11.01 21.10 -2.80
N GLU A 346 -10.56 20.03 -2.11
CA GLU A 346 -9.26 19.47 -2.39
C GLU A 346 -9.15 18.95 -3.81
N ASP A 347 -10.22 18.29 -4.31
CA ASP A 347 -10.26 17.78 -5.68
C ASP A 347 -9.95 18.88 -6.69
N VAL A 348 -10.59 20.04 -6.53
CA VAL A 348 -10.37 21.17 -7.45
C VAL A 348 -8.97 21.74 -7.26
N LEU A 349 -8.55 21.93 -6.01
CA LEU A 349 -7.26 22.55 -5.74
C LEU A 349 -6.10 21.71 -6.27
N LYS A 350 -6.22 20.37 -6.24
CA LYS A 350 -5.14 19.52 -6.73
C LYS A 350 -5.15 19.35 -8.25
N ALA A 351 -6.21 19.76 -8.93
CA ALA A 351 -6.36 19.47 -10.34
C ALA A 351 -5.53 20.38 -11.22
N VAL A 352 -5.26 21.61 -10.76
CA VAL A 352 -4.55 22.60 -11.56
C VAL A 352 -3.35 23.08 -10.77
N LYS A 353 -2.17 22.99 -11.39
CA LYS A 353 -0.91 23.38 -10.74
C LYS A 353 -0.72 24.88 -10.92
N SER A 354 -1.06 25.65 -9.89
CA SER A 354 -1.05 27.09 -9.98
C SER A 354 -0.60 27.67 -8.66
N ASP A 355 0.09 28.83 -8.74
CA ASP A 355 0.52 29.49 -7.52
C ASP A 355 -0.68 29.90 -6.66
N LEU A 356 -1.63 30.62 -7.24
CA LEU A 356 -2.80 31.16 -6.55
C LEU A 356 -4.07 30.50 -7.07
N VAL A 357 -5.16 30.71 -6.33
CA VAL A 357 -6.50 30.28 -6.73
C VAL A 357 -7.50 31.37 -6.36
N GLU A 358 -8.57 31.50 -7.13
CA GLU A 358 -9.62 32.49 -6.88
C GLU A 358 -10.92 31.78 -6.52
N LEU A 359 -11.60 32.26 -5.48
CA LEU A 359 -12.90 31.72 -5.13
C LEU A 359 -13.87 32.88 -5.13
N TYR A 360 -14.99 32.72 -5.84
CA TYR A 360 -15.99 33.76 -5.93
C TYR A 360 -17.24 33.28 -5.21
N PHE A 361 -17.70 34.07 -4.25
CA PHE A 361 -18.84 33.72 -3.42
C PHE A 361 -19.99 34.67 -3.67
N SER A 362 -21.18 34.25 -3.24
CA SER A 362 -22.26 35.19 -3.01
C SER A 362 -22.70 34.97 -1.56
N ASP A 363 -23.84 34.31 -1.29
CA ASP A 363 -24.26 34.13 0.09
C ASP A 363 -23.94 32.71 0.58
N VAL A 364 -24.22 32.45 1.85
CA VAL A 364 -23.86 31.19 2.49
C VAL A 364 -24.53 30.00 1.85
N SER A 365 -25.67 30.20 1.17
CA SER A 365 -26.40 29.10 0.59
C SER A 365 -26.13 28.92 -0.90
N ALA A 366 -25.27 29.73 -1.51
CA ALA A 366 -25.01 29.68 -2.94
C ALA A 366 -23.65 29.03 -3.24
N PRO A 367 -23.46 28.49 -4.45
CA PRO A 367 -22.19 27.82 -4.78
C PRO A 367 -21.02 28.79 -4.80
N VAL A 368 -19.79 28.22 -4.69
CA VAL A 368 -18.55 28.98 -4.90
C VAL A 368 -18.05 28.70 -6.33
N LEU A 369 -17.57 29.74 -6.99
CA LEU A 369 -16.95 29.62 -8.32
C LEU A 369 -15.45 29.67 -8.13
N ILE A 370 -14.75 28.70 -8.67
CA ILE A 370 -13.33 28.57 -8.44
C ILE A 370 -12.63 28.71 -9.78
N LYS A 371 -11.65 29.61 -9.87
CA LYS A 371 -10.81 29.69 -11.06
C LYS A 371 -9.35 29.87 -10.68
N PHE A 372 -8.47 29.47 -11.60
CA PHE A 372 -7.03 29.61 -11.54
C PHE A 372 -6.58 30.63 -12.56
N PRO A 373 -5.82 31.65 -12.14
CA PRO A 373 -5.58 32.83 -13.01
C PRO A 373 -4.87 32.57 -14.33
N GLU A 374 -3.84 31.74 -14.37
CA GLU A 374 -3.20 31.52 -15.66
C GLU A 374 -3.90 30.43 -16.45
N ASN A 375 -5.09 30.00 -16.04
CA ASN A 375 -5.78 28.86 -16.62
C ASN A 375 -7.22 29.24 -16.98
N PRO A 376 -7.41 30.01 -18.06
CA PRO A 376 -8.75 30.49 -18.39
C PRO A 376 -9.67 29.44 -18.98
N LYS A 377 -9.24 28.19 -19.15
CA LYS A 377 -10.11 27.19 -19.78
C LYS A 377 -10.39 26.03 -18.85
N ASP A 378 -10.51 26.35 -17.56
CA ASP A 378 -10.88 25.40 -16.51
C ASP A 378 -11.79 26.13 -15.55
N ILE A 379 -12.99 25.58 -15.29
CA ILE A 379 -13.96 26.25 -14.42
C ILE A 379 -14.55 25.22 -13.46
N PHE A 380 -14.72 25.60 -12.19
CA PHE A 380 -15.25 24.68 -11.20
C PHE A 380 -16.32 25.37 -10.36
N VAL A 381 -17.40 24.64 -10.02
CA VAL A 381 -18.46 25.17 -9.16
C VAL A 381 -18.70 24.13 -8.07
N VAL A 382 -18.71 24.56 -6.81
CA VAL A 382 -18.92 23.65 -5.68
C VAL A 382 -20.05 24.21 -4.80
N MET A 383 -21.06 23.39 -4.49
CA MET A 383 -22.13 23.86 -3.60
C MET A 383 -21.70 23.74 -2.15
N PRO A 384 -22.15 24.65 -1.31
CA PRO A 384 -21.81 24.58 0.11
C PRO A 384 -22.62 23.52 0.85
N VAL A 385 -22.22 23.29 2.11
CA VAL A 385 -22.94 22.41 3.02
C VAL A 385 -23.20 23.22 4.27
N LYS A 386 -24.30 22.90 4.96
CA LYS A 386 -24.63 23.66 6.17
C LYS A 386 -23.67 23.27 7.30
N VAL A 387 -23.10 24.27 7.96
CA VAL A 387 -22.16 24.07 9.10
C VAL A 387 -22.60 24.92 10.31
N HIS B 8 -3.02 19.65 39.14
CA HIS B 8 -2.40 20.49 38.12
C HIS B 8 -2.72 20.01 36.69
N MET B 9 -2.56 20.91 35.73
CA MET B 9 -2.97 20.71 34.33
C MET B 9 -1.75 20.57 33.44
N LEU B 10 -1.70 19.49 32.68
CA LEU B 10 -0.56 19.24 31.80
C LEU B 10 -0.35 20.40 30.82
N LYS B 11 0.92 20.81 30.67
CA LYS B 11 1.32 21.72 29.60
C LYS B 11 2.78 21.45 29.29
N LEU B 12 3.10 21.22 28.01
CA LEU B 12 4.45 20.83 27.64
C LEU B 12 4.72 21.26 26.20
N ILE B 13 6.00 21.38 25.87
CA ILE B 13 6.42 21.60 24.50
C ILE B 13 7.28 20.41 24.11
N VAL B 14 6.99 19.84 22.94
CA VAL B 14 7.59 18.59 22.52
C VAL B 14 8.00 18.69 21.05
N GLU B 15 9.17 18.14 20.72
CA GLU B 15 9.59 18.01 19.35
C GLU B 15 8.63 17.10 18.58
N THR B 16 8.10 17.61 17.46
CA THR B 16 7.04 16.91 16.74
C THR B 16 7.49 15.53 16.28
N LYS B 17 8.70 15.43 15.72
CA LYS B 17 9.20 14.14 15.21
C LYS B 17 9.27 13.09 16.32
N THR B 18 9.73 13.47 17.51
CA THR B 18 9.79 12.48 18.58
C THR B 18 8.39 12.08 19.05
N LEU B 19 7.44 13.03 19.07
CA LEU B 19 6.08 12.66 19.48
C LEU B 19 5.41 11.76 18.44
N VAL B 20 5.61 12.05 17.16
CA VAL B 20 5.11 11.20 16.08
C VAL B 20 5.65 9.76 16.23
N GLN B 21 6.94 9.63 16.55
CA GLN B 21 7.52 8.31 16.70
C GLN B 21 6.87 7.56 17.85
N SER B 22 6.68 8.23 18.99
CA SER B 22 6.03 7.62 20.14
C SER B 22 4.59 7.21 19.83
N LEU B 23 3.86 8.07 19.10
CA LEU B 23 2.48 7.73 18.80
C LEU B 23 2.40 6.57 17.83
N GLY B 24 3.42 6.40 16.98
CA GLY B 24 3.45 5.22 16.12
C GLY B 24 3.51 3.94 16.94
N PHE B 25 4.37 3.93 17.95
CA PHE B 25 4.43 2.75 18.83
C PHE B 25 3.14 2.56 19.63
N ALA B 26 2.57 3.67 20.13
CA ALA B 26 1.30 3.56 20.85
C ALA B 26 0.21 3.03 19.93
N SER B 27 0.20 3.50 18.68
CA SER B 27 -0.85 3.07 17.76
C SER B 27 -0.69 1.60 17.37
N SER B 28 0.55 1.11 17.25
CA SER B 28 0.69 -0.31 16.92
C SER B 28 0.29 -1.22 18.06
N VAL B 29 0.10 -0.70 19.27
CA VAL B 29 -0.41 -1.48 20.41
C VAL B 29 -1.93 -1.59 20.38
N VAL B 30 -2.63 -0.49 20.11
CA VAL B 30 -4.08 -0.38 20.34
C VAL B 30 -4.88 -1.39 19.48
N ILE B 36 -12.12 -3.40 26.09
CA ILE B 36 -12.83 -2.32 26.76
C ILE B 36 -12.60 -1.03 25.97
N PRO B 37 -13.52 -0.04 26.12
CA PRO B 37 -13.33 1.24 25.40
C PRO B 37 -12.08 1.98 25.84
N GLU B 38 -11.76 1.94 27.13
CA GLU B 38 -10.60 2.65 27.64
C GLU B 38 -9.28 2.10 27.09
N TYR B 39 -9.30 1.03 26.27
CA TYR B 39 -8.09 0.49 25.65
C TYR B 39 -7.78 1.16 24.32
N ALA B 40 -8.69 2.02 23.84
CA ALA B 40 -8.48 2.78 22.62
C ALA B 40 -7.82 4.12 22.95
N ASN B 41 -7.57 4.35 24.22
CA ASN B 41 -7.11 5.65 24.74
C ASN B 41 -5.63 5.61 25.01
N ILE B 42 -5.03 6.78 25.08
CA ILE B 42 -3.64 6.92 25.46
C ILE B 42 -3.56 7.84 26.67
N LYS B 43 -2.75 7.45 27.66
CA LYS B 43 -2.59 8.29 28.86
C LYS B 43 -1.31 9.10 28.69
N LEU B 44 -1.43 10.40 28.93
CA LEU B 44 -0.33 11.33 28.77
C LEU B 44 -0.01 11.88 30.16
N SER B 45 1.26 11.75 30.58
CA SER B 45 1.64 12.16 31.93
C SER B 45 2.93 12.97 31.86
N ALA B 46 2.85 14.26 32.21
CA ALA B 46 3.99 15.16 32.23
C ALA B 46 4.51 15.30 33.67
N GLN B 47 5.74 14.84 33.91
CA GLN B 47 6.33 14.86 35.24
C GLN B 47 7.85 14.83 35.08
N ASP B 48 8.54 15.63 35.88
CA ASP B 48 10.02 15.59 35.93
C ASP B 48 10.66 15.66 34.55
N GLY B 49 10.27 16.64 33.75
CA GLY B 49 10.90 16.83 32.44
C GLY B 49 10.63 15.77 31.39
N ASN B 50 9.74 14.82 31.65
CA ASN B 50 9.45 13.74 30.72
C ASN B 50 7.95 13.68 30.46
N LEU B 51 7.59 13.29 29.24
CA LEU B 51 6.23 12.91 28.90
C LEU B 51 6.16 11.39 28.86
N GLU B 52 5.34 10.80 29.71
CA GLU B 52 5.08 9.37 29.69
C GLU B 52 3.77 9.09 28.98
N LEU B 53 3.84 8.30 27.91
CA LEU B 53 2.66 7.91 27.12
C LEU B 53 2.39 6.45 27.43
N SER B 54 1.18 6.15 27.91
CA SER B 54 0.84 4.78 28.29
C SER B 54 -0.26 4.25 27.38
N SER B 55 -0.06 3.02 26.89
CA SER B 55 -0.95 2.35 25.96
C SER B 55 -1.10 0.91 26.39
N THR B 56 -2.29 0.33 26.15
CA THR B 56 -2.50 -1.03 26.59
C THR B 56 -3.47 -1.76 25.67
N ASN B 57 -3.24 -3.07 25.52
CA ASN B 57 -4.27 -3.95 24.94
C ASN B 57 -4.44 -5.14 25.87
N MET B 58 -5.18 -6.18 25.45
CA MET B 58 -5.48 -7.25 26.38
C MET B 58 -4.26 -8.12 26.67
N ASP B 59 -3.21 -8.02 25.87
CA ASP B 59 -1.99 -8.76 26.13
C ASP B 59 -0.93 -7.91 26.79
N LEU B 60 -0.86 -6.61 26.53
CA LEU B 60 0.33 -5.90 26.97
C LEU B 60 -0.02 -4.51 27.46
N TYR B 61 0.94 -3.95 28.19
CA TYR B 61 0.91 -2.55 28.65
C TYR B 61 2.23 -1.92 28.25
N LEU B 62 2.19 -0.78 27.55
CA LEU B 62 3.38 -0.10 27.08
C LEU B 62 3.47 1.29 27.69
N SER B 63 4.62 1.60 28.26
CA SER B 63 4.92 2.92 28.80
C SER B 63 6.18 3.45 28.12
N GLN B 64 6.07 4.59 27.45
CA GLN B 64 7.21 5.28 26.83
C GLN B 64 7.43 6.64 27.50
N LYS B 65 8.68 6.97 27.82
CA LYS B 65 9.04 8.30 28.30
C LYS B 65 9.94 8.98 27.27
N ILE B 66 9.59 10.22 26.90
CA ILE B 66 10.41 11.06 26.02
C ILE B 66 10.65 12.38 26.73
N ALA B 67 11.84 12.95 26.54
CA ALA B 67 12.16 14.23 27.17
C ALA B 67 11.39 15.35 26.48
N VAL B 68 10.74 16.21 27.25
CA VAL B 68 10.02 17.37 26.72
C VAL B 68 10.32 18.58 27.59
N GLN B 69 9.85 19.75 27.16
CA GLN B 69 9.90 20.94 28.02
C GLN B 69 8.59 20.96 28.80
N VAL B 70 8.63 20.52 30.06
CA VAL B 70 7.41 20.49 30.88
C VAL B 70 7.17 21.90 31.41
N VAL B 71 6.08 22.51 30.95
CA VAL B 71 5.68 23.81 31.48
C VAL B 71 4.84 23.64 32.76
N SER B 72 3.93 22.68 32.75
CA SER B 72 3.11 22.40 33.94
C SER B 72 2.88 20.90 34.02
N GLU B 73 3.08 20.29 35.20
CA GLU B 73 2.90 18.86 35.36
C GLU B 73 1.42 18.51 35.46
N GLY B 74 1.08 17.29 35.05
CA GLY B 74 -0.29 16.81 35.09
C GLY B 74 -0.44 15.62 34.16
N GLU B 75 -1.66 15.07 34.12
CA GLU B 75 -1.92 13.95 33.22
C GLU B 75 -3.35 14.01 32.68
N CYS B 76 -3.56 13.40 31.50
CA CYS B 76 -4.90 13.30 30.92
C CYS B 76 -4.93 12.10 29.96
N THR B 77 -6.12 11.85 29.39
CA THR B 77 -6.32 10.69 28.51
C THR B 77 -7.10 11.10 27.28
N VAL B 78 -6.67 10.62 26.10
CA VAL B 78 -7.40 10.92 24.86
C VAL B 78 -7.38 9.71 23.94
N SER B 79 -8.20 9.79 22.89
CA SER B 79 -8.19 8.80 21.82
C SER B 79 -6.80 8.67 21.18
N THR B 80 -6.25 7.45 21.18
CA THR B 80 -4.97 7.22 20.51
C THR B 80 -5.06 7.57 19.04
N LYS B 81 -6.11 7.08 18.36
CA LYS B 81 -6.25 7.31 16.92
C LYS B 81 -6.40 8.80 16.60
N THR B 82 -7.21 9.53 17.37
CA THR B 82 -7.36 10.95 17.05
C THR B 82 -6.03 11.65 17.20
N LEU B 83 -5.32 11.38 18.30
CA LEU B 83 -4.05 12.04 18.55
C LEU B 83 -3.04 11.70 17.47
N ASN B 84 -2.91 10.42 17.14
CA ASN B 84 -2.00 9.97 16.10
C ASN B 84 -2.33 10.64 14.75
N ASP B 85 -3.63 10.67 14.39
CA ASP B 85 -4.06 11.27 13.12
C ASP B 85 -3.62 12.73 13.02
N ILE B 86 -3.77 13.48 14.10
CA ILE B 86 -3.49 14.91 14.01
C ILE B 86 -2.00 15.17 14.00
N VAL B 87 -1.27 14.58 14.95
CA VAL B 87 0.13 14.97 15.13
C VAL B 87 0.96 14.66 13.88
N ARG B 88 0.67 13.54 13.19
CA ARG B 88 1.46 13.09 12.04
C ARG B 88 1.36 14.02 10.84
N LYS B 89 0.39 14.93 10.81
CA LYS B 89 0.22 15.86 9.71
C LYS B 89 0.52 17.30 10.09
N LEU B 90 1.01 17.58 11.33
CA LEU B 90 1.29 18.98 11.62
C LEU B 90 2.71 19.31 11.19
N PRO B 91 2.93 20.45 10.51
CA PRO B 91 4.25 20.75 9.94
C PRO B 91 5.26 21.31 10.92
N ASP B 92 4.84 21.77 12.09
CA ASP B 92 5.74 22.46 13.00
C ASP B 92 6.81 21.52 13.54
N SER B 93 7.99 22.10 13.80
CA SER B 93 9.07 21.33 14.39
C SER B 93 8.78 20.96 15.82
N GLU B 94 8.00 21.77 16.52
CA GLU B 94 7.60 21.46 17.88
C GLU B 94 6.14 21.87 18.08
N LEU B 95 5.49 21.22 19.04
CA LEU B 95 4.09 21.43 19.36
C LEU B 95 3.93 21.70 20.85
N THR B 96 2.88 22.44 21.19
CA THR B 96 2.49 22.67 22.57
C THR B 96 1.24 21.85 22.87
N LEU B 97 1.31 21.06 23.93
CA LEU B 97 0.16 20.28 24.39
C LEU B 97 -0.29 20.89 25.72
N THR B 98 -1.55 21.26 25.79
CA THR B 98 -2.09 21.87 27.00
C THR B 98 -3.44 21.25 27.32
N ASP B 99 -3.55 20.64 28.48
CA ASP B 99 -4.84 20.19 28.97
C ASP B 99 -5.58 21.44 29.45
N LEU B 100 -6.61 21.85 28.73
CA LEU B 100 -7.36 23.04 29.07
C LEU B 100 -8.63 22.71 29.84
N GLY B 101 -8.71 21.52 30.42
CA GLY B 101 -9.86 21.17 31.24
C GLY B 101 -11.11 20.92 30.44
N THR B 102 -12.12 21.79 30.63
CA THR B 102 -13.40 21.64 29.93
C THR B 102 -13.21 21.71 28.40
N THR B 103 -12.22 22.46 27.92
CA THR B 103 -11.93 22.56 26.49
C THR B 103 -11.28 21.28 25.95
N GLY B 104 -10.68 20.45 26.80
CA GLY B 104 -10.04 19.25 26.32
C GLY B 104 -8.54 19.44 26.21
N LEU B 105 -7.89 18.49 25.57
CA LEU B 105 -6.47 18.60 25.32
C LEU B 105 -6.24 19.42 24.06
N GLU B 106 -5.49 20.51 24.20
CA GLU B 106 -5.18 21.38 23.06
C GLU B 106 -3.83 20.99 22.47
N ILE B 107 -3.82 20.62 21.20
CA ILE B 107 -2.58 20.43 20.47
C ILE B 107 -2.41 21.64 19.57
N LYS B 108 -1.35 22.42 19.81
CA LYS B 108 -1.19 23.74 19.20
C LYS B 108 0.08 23.80 18.36
N GLY B 109 -0.07 24.20 17.11
CA GLY B 109 1.04 24.62 16.28
C GLY B 109 1.09 26.11 16.12
N LYS B 110 1.88 26.57 15.14
CA LYS B 110 2.01 28.00 14.91
C LYS B 110 0.68 28.61 14.53
N ASN B 111 -0.03 28.01 13.60
CA ASN B 111 -1.25 28.63 13.11
C ASN B 111 -2.47 27.76 13.25
N CYS B 112 -2.35 26.60 13.90
N CYS B 112 -2.35 26.59 13.84
CA CYS B 112 -3.38 25.58 13.92
CA CYS B 112 -3.48 25.67 13.94
C CYS B 112 -3.59 25.11 15.37
C CYS B 112 -3.61 25.15 15.37
N LYS B 113 -4.85 24.88 15.74
CA LYS B 113 -5.19 24.36 17.07
C LYS B 113 -6.15 23.20 16.92
N PHE B 114 -5.88 22.09 17.61
CA PHE B 114 -6.84 20.99 17.75
C PHE B 114 -7.21 20.82 19.22
N ASN B 115 -8.50 20.67 19.50
CA ASN B 115 -8.96 20.33 20.84
C ASN B 115 -9.58 18.92 20.84
N LEU B 116 -9.02 18.01 21.64
CA LEU B 116 -9.45 16.61 21.71
C LEU B 116 -10.22 16.34 23.00
N PHE B 117 -11.35 15.63 22.90
CA PHE B 117 -12.08 15.24 24.10
C PHE B 117 -11.14 14.46 25.04
N THR B 118 -11.13 14.82 26.33
CA THR B 118 -10.34 14.06 27.28
C THR B 118 -11.25 13.08 28.00
N LEU B 119 -10.66 11.99 28.50
CA LEU B 119 -11.40 11.01 29.27
C LEU B 119 -10.77 10.90 30.66
N PRO B 120 -11.53 10.45 31.66
CA PRO B 120 -11.01 10.46 33.03
C PRO B 120 -9.83 9.54 33.18
N VAL B 121 -8.78 10.05 33.85
CA VAL B 121 -7.59 9.26 34.14
C VAL B 121 -7.92 8.12 35.10
N SER B 122 -8.91 8.33 35.98
CA SER B 122 -9.30 7.26 36.89
C SER B 122 -9.84 6.03 36.15
N SER B 123 -10.28 6.19 34.90
CA SER B 123 -10.72 5.06 34.09
C SER B 123 -9.55 4.35 33.38
N PHE B 124 -8.32 4.93 33.39
CA PHE B 124 -7.25 4.29 32.64
C PHE B 124 -6.41 3.41 33.56
N PRO B 125 -6.24 2.13 33.23
CA PRO B 125 -5.53 1.21 34.13
C PRO B 125 -4.05 1.58 34.29
N ALA B 126 -3.55 1.42 35.52
CA ALA B 126 -2.12 1.50 35.80
C ALA B 126 -1.41 0.22 35.33
N MET B 127 -0.10 0.33 35.08
CA MET B 127 0.70 -0.84 34.74
C MET B 127 0.79 -1.76 35.95
N ASP B 128 0.48 -3.03 35.73
CA ASP B 128 0.56 -4.00 36.82
C ASP B 128 1.98 -4.07 37.37
N SER B 129 2.08 -4.40 38.66
CA SER B 129 3.35 -4.71 39.30
C SER B 129 3.74 -6.15 39.02
N ILE B 130 5.05 -6.43 39.07
CA ILE B 130 5.58 -7.76 38.84
C ILE B 130 6.60 -8.11 39.91
N ASN B 131 6.48 -9.30 40.49
CA ASN B 131 7.53 -9.81 41.37
C ASN B 131 8.30 -10.87 40.59
N PRO B 132 9.49 -10.55 40.09
CA PRO B 132 10.15 -11.43 39.14
C PRO B 132 10.77 -12.61 39.86
N GLU B 133 10.78 -13.76 39.16
CA GLU B 133 11.53 -14.95 39.53
C GLU B 133 12.89 -15.03 38.83
N ALA B 134 13.06 -14.35 37.70
CA ALA B 134 14.31 -14.34 36.94
C ALA B 134 14.43 -12.98 36.30
N SER B 135 15.64 -12.42 36.29
CA SER B 135 15.89 -11.12 35.68
CA SER B 135 15.86 -11.15 35.63
C SER B 135 17.29 -11.10 35.08
N PHE B 136 17.43 -10.55 33.88
CA PHE B 136 18.75 -10.48 33.25
C PHE B 136 18.75 -9.42 32.16
N LYS B 137 19.95 -9.04 31.71
CA LYS B 137 20.08 -8.07 30.63
C LYS B 137 20.79 -8.71 29.45
N ILE B 138 20.34 -8.36 28.24
CA ILE B 138 21.05 -8.69 27.01
C ILE B 138 21.03 -7.46 26.12
N SER B 139 21.84 -7.49 25.08
CA SER B 139 21.86 -6.38 24.14
C SER B 139 20.59 -6.38 23.30
N CYS B 140 20.17 -5.18 22.88
CA CYS B 140 19.03 -5.12 21.97
C CYS B 140 19.31 -5.84 20.66
N THR B 141 20.56 -5.84 20.20
CA THR B 141 20.90 -6.52 18.96
CA THR B 141 20.92 -6.52 18.96
C THR B 141 20.69 -8.02 19.08
N ASP B 142 21.13 -8.62 20.18
CA ASP B 142 20.93 -10.06 20.37
C ASP B 142 19.46 -10.39 20.54
N PHE B 143 18.70 -9.56 21.27
CA PHE B 143 17.28 -9.88 21.43
C PHE B 143 16.53 -9.75 20.11
N ALA B 144 16.87 -8.73 19.35
CA ALA B 144 16.24 -8.56 18.04
C ALA B 144 16.51 -9.78 17.17
N LYS B 145 17.75 -10.28 17.22
CA LYS B 145 18.11 -11.47 16.44
C LYS B 145 17.20 -12.65 16.75
N ILE B 146 17.04 -13.02 18.04
CA ILE B 146 16.30 -14.25 18.33
C ILE B 146 14.81 -14.09 18.00
N ILE B 147 14.27 -12.88 18.12
CA ILE B 147 12.86 -12.71 17.75
C ILE B 147 12.72 -12.67 16.23
N GLU B 148 13.61 -11.95 15.57
CA GLU B 148 13.56 -11.88 14.11
C GLU B 148 13.64 -13.28 13.51
N SER B 149 14.49 -14.14 14.08
CA SER B 149 14.68 -15.50 13.56
C SER B 149 13.55 -16.44 13.90
N THR B 150 12.57 -16.05 14.74
CA THR B 150 11.56 -17.00 15.14
C THR B 150 10.11 -16.52 15.02
N LYS B 151 9.87 -15.23 14.76
CA LYS B 151 8.50 -14.74 14.78
C LYS B 151 7.70 -15.23 13.58
N PHE B 152 8.35 -15.57 12.46
CA PHE B 152 7.60 -15.89 11.26
C PHE B 152 7.00 -17.28 11.31
N SER B 153 7.44 -18.16 12.23
CA SER B 153 6.91 -19.52 12.28
C SER B 153 6.06 -19.79 13.53
N ILE B 154 5.52 -18.73 14.12
CA ILE B 154 4.49 -18.84 15.16
C ILE B 154 3.21 -19.35 14.54
N SER B 155 2.43 -20.16 15.27
CA SER B 155 1.17 -20.64 14.72
C SER B 155 0.15 -19.51 14.71
N LEU B 156 -0.65 -19.45 13.63
CA LEU B 156 -1.83 -18.61 13.59
C LEU B 156 -3.11 -19.41 13.84
N ASP B 157 -2.99 -20.69 14.18
CA ASP B 157 -4.15 -21.56 14.38
C ASP B 157 -4.66 -21.40 15.81
N GLU B 158 -5.86 -20.82 15.98
CA GLU B 158 -6.39 -20.52 17.30
C GLU B 158 -6.65 -21.81 18.09
N THR B 159 -6.88 -22.92 17.41
CA THR B 159 -7.06 -24.20 18.08
C THR B 159 -5.76 -24.72 18.71
N ARG B 160 -4.60 -24.17 18.37
CA ARG B 160 -3.33 -24.56 18.98
C ARG B 160 -2.73 -23.34 19.68
N TYR B 161 -3.41 -22.83 20.71
CA TYR B 161 -3.12 -21.51 21.24
C TYR B 161 -1.77 -21.46 21.91
N ASN B 162 -1.30 -22.59 22.45
CA ASN B 162 0.05 -22.63 23.02
C ASN B 162 1.15 -22.45 21.99
N LEU B 163 0.84 -22.50 20.69
CA LEU B 163 1.85 -22.25 19.68
C LEU B 163 1.78 -20.83 19.12
N ASN B 164 0.83 -20.03 19.59
CA ASN B 164 0.59 -18.70 19.03
C ASN B 164 1.53 -17.66 19.65
N GLY B 165 2.77 -18.07 19.91
CA GLY B 165 3.76 -17.15 20.43
C GLY B 165 5.13 -17.79 20.35
N VAL B 166 6.15 -17.11 20.93
CA VAL B 166 7.51 -17.64 20.93
C VAL B 166 7.80 -18.18 22.32
N TYR B 167 8.50 -19.31 22.36
CA TYR B 167 8.88 -19.94 23.62
C TYR B 167 10.23 -19.41 24.05
N LEU B 168 10.23 -18.52 25.05
CA LEU B 168 11.46 -17.94 25.59
C LEU B 168 11.88 -18.78 26.80
N HIS B 169 13.06 -19.39 26.71
CA HIS B 169 13.45 -20.40 27.68
C HIS B 169 14.96 -20.45 27.74
N ILE B 170 15.47 -20.93 28.86
CA ILE B 170 16.90 -20.97 29.10
C ILE B 170 17.30 -22.42 29.27
N LYS B 171 18.43 -22.80 28.67
CA LYS B 171 19.06 -24.09 28.95
C LYS B 171 20.50 -23.81 29.39
N ASP B 172 20.72 -23.90 30.72
CA ASP B 172 22.00 -23.55 31.34
C ASP B 172 22.28 -22.08 31.03
N LYS B 173 23.19 -21.78 30.11
CA LYS B 173 23.52 -20.37 29.81
C LYS B 173 22.98 -19.89 28.47
N GLU B 174 22.26 -20.74 27.73
CA GLU B 174 21.74 -20.37 26.42
C GLU B 174 20.30 -19.89 26.56
N PHE B 175 20.09 -18.64 26.23
CA PHE B 175 18.74 -18.06 26.24
C PHE B 175 18.16 -18.18 24.85
N CYS B 176 17.07 -18.95 24.71
CA CYS B 176 16.55 -19.39 23.43
C CYS B 176 15.17 -18.81 23.19
N SER B 177 14.86 -18.54 21.94
CA SER B 177 13.50 -18.38 21.47
C SER B 177 13.24 -19.49 20.46
N ALA B 178 12.13 -20.18 20.61
CA ALA B 178 11.74 -21.20 19.64
C ALA B 178 10.29 -20.98 19.22
N SER B 179 9.97 -21.34 17.96
CA SER B 179 8.58 -21.24 17.51
C SER B 179 8.32 -22.40 16.56
N THR B 180 7.06 -22.82 16.52
CA THR B 180 6.66 -23.88 15.60
C THR B 180 5.16 -23.74 15.32
N ASP B 181 4.77 -24.11 14.10
CA ASP B 181 3.35 -24.16 13.74
C ASP B 181 2.96 -25.57 13.33
N GLY B 182 3.76 -26.58 13.68
CA GLY B 182 3.52 -27.95 13.26
C GLY B 182 4.11 -28.29 11.89
N HIS B 183 4.45 -27.28 11.09
CA HIS B 183 5.06 -27.48 9.76
C HIS B 183 6.54 -27.16 9.72
N ARG B 184 7.05 -26.42 10.71
CA ARG B 184 8.45 -26.03 10.71
C ARG B 184 8.82 -25.67 12.14
N LEU B 185 10.12 -25.59 12.39
CA LEU B 185 10.70 -25.17 13.66
C LEU B 185 11.73 -24.10 13.39
N SER B 186 11.72 -23.03 14.20
CA SER B 186 12.81 -22.06 14.18
C SER B 186 13.33 -21.93 15.60
N ILE B 187 14.64 -21.94 15.78
CA ILE B 187 15.16 -21.70 17.13
C ILE B 187 16.43 -20.88 17.01
N SER B 188 16.56 -19.90 17.90
CA SER B 188 17.64 -18.92 17.85
C SER B 188 18.02 -18.57 19.29
N TRP B 189 19.31 -18.43 19.57
CA TRP B 189 19.73 -18.25 20.96
C TRP B 189 20.93 -17.30 21.09
N VAL B 190 21.14 -16.88 22.34
CA VAL B 190 22.26 -16.02 22.74
C VAL B 190 22.79 -16.54 24.07
N THR B 191 24.10 -16.57 24.21
CA THR B 191 24.73 -17.08 25.41
C THR B 191 24.79 -15.96 26.45
N LEU B 192 24.26 -16.24 27.62
CA LEU B 192 24.37 -15.31 28.74
C LEU B 192 25.66 -15.56 29.51
N GLU B 193 26.15 -14.51 30.16
CA GLU B 193 27.27 -14.64 31.08
C GLU B 193 26.80 -15.03 32.49
N LYS B 194 25.58 -14.69 32.89
CA LYS B 194 25.11 -14.91 34.26
C LYS B 194 24.34 -16.22 34.39
N GLN B 195 24.44 -16.85 35.56
CA GLN B 195 23.66 -18.06 35.82
C GLN B 195 22.26 -17.64 36.25
N ILE B 196 21.25 -18.03 35.49
CA ILE B 196 19.86 -17.61 35.69
C ILE B 196 19.05 -18.84 36.07
N LYS B 197 18.06 -18.65 36.95
CA LYS B 197 17.14 -19.73 37.33
C LYS B 197 16.41 -20.26 36.09
N ASN B 198 16.21 -21.59 36.02
CA ASN B 198 15.60 -22.14 34.81
C ASN B 198 14.20 -21.57 34.60
N PHE B 199 13.85 -21.28 33.35
CA PHE B 199 12.48 -20.87 33.08
C PHE B 199 12.13 -21.21 31.65
N GLY B 200 10.84 -21.19 31.36
CA GLY B 200 10.40 -21.33 29.98
C GLY B 200 9.02 -20.73 29.90
N VAL B 201 8.81 -19.65 29.10
CA VAL B 201 7.52 -19.00 29.00
C VAL B 201 7.19 -18.70 27.54
N ILE B 202 5.89 -18.56 27.26
CA ILE B 202 5.38 -18.34 25.91
C ILE B 202 4.90 -16.89 25.80
N LEU B 203 5.61 -16.14 25.00
CA LEU B 203 5.33 -14.73 24.78
C LEU B 203 4.33 -14.61 23.64
N PRO B 204 3.16 -13.97 23.84
CA PRO B 204 2.17 -13.91 22.76
C PRO B 204 2.73 -13.22 21.52
N GLN B 205 2.19 -13.62 20.37
CA GLN B 205 2.62 -13.09 19.07
C GLN B 205 2.60 -11.56 19.02
N LYS B 206 1.49 -10.93 19.45
CA LYS B 206 1.44 -9.47 19.37
C LYS B 206 2.52 -8.84 20.24
N SER B 207 2.81 -9.43 21.41
CA SER B 207 3.84 -8.88 22.27
C SER B 207 5.23 -9.09 21.64
N ALA B 208 5.47 -10.25 21.02
CA ALA B 208 6.76 -10.44 20.36
C ALA B 208 6.95 -9.41 19.23
N GLU B 209 5.91 -9.16 18.44
CA GLU B 209 6.01 -8.20 17.34
C GLU B 209 6.27 -6.79 17.86
N GLU B 210 5.57 -6.40 18.93
CA GLU B 210 5.73 -5.04 19.46
C GLU B 210 7.11 -4.83 20.07
N ILE B 211 7.60 -5.79 20.87
CA ILE B 211 8.90 -5.58 21.51
C ILE B 211 10.02 -5.64 20.47
N LEU B 212 9.84 -6.42 19.39
CA LEU B 212 10.83 -6.39 18.31
C LEU B 212 10.92 -5.00 17.69
N LYS B 213 9.78 -4.39 17.40
CA LYS B 213 9.81 -3.06 16.80
C LYS B 213 10.50 -2.07 17.71
N ILE B 214 10.24 -2.16 19.03
CA ILE B 214 10.86 -1.27 20.01
C ILE B 214 12.37 -1.46 20.01
N VAL B 215 12.85 -2.71 20.15
CA VAL B 215 14.31 -2.89 20.24
C VAL B 215 15.01 -2.55 18.93
N LYS B 216 14.33 -2.63 17.79
CA LYS B 216 14.96 -2.28 16.53
C LYS B 216 14.96 -0.79 16.28
N ASP B 217 14.28 -0.01 17.10
CA ASP B 217 14.32 1.42 16.90
C ASP B 217 15.77 1.92 16.92
N PRO B 218 16.13 2.90 16.07
CA PRO B 218 17.51 3.43 16.09
C PRO B 218 17.98 3.94 17.45
N LYS B 219 17.08 4.47 18.28
CA LYS B 219 17.50 4.94 19.59
C LYS B 219 17.78 3.80 20.58
N ASN B 220 17.41 2.57 20.25
CA ASN B 220 17.55 1.46 21.18
C ASN B 220 18.45 0.34 20.67
N ILE B 221 18.61 0.23 19.36
CA ILE B 221 19.17 -0.98 18.77
C ILE B 221 20.60 -1.24 19.25
N ASN B 222 21.36 -0.18 19.56
CA ASN B 222 22.73 -0.30 20.06
C ASN B 222 22.83 -0.32 21.58
N GLU B 223 21.71 -0.45 22.29
CA GLU B 223 21.66 -0.40 23.74
C GLU B 223 21.30 -1.80 24.30
N ASP B 224 20.81 -1.83 25.54
CA ASP B 224 20.51 -3.07 26.26
C ASP B 224 19.03 -3.17 26.61
N ILE B 225 18.58 -4.38 26.83
CA ILE B 225 17.21 -4.60 27.27
C ILE B 225 17.24 -5.51 28.49
N GLU B 226 16.52 -5.12 29.53
CA GLU B 226 16.42 -5.93 30.73
C GLU B 226 15.12 -6.72 30.66
N ILE B 227 15.20 -7.99 31.03
CA ILE B 227 14.05 -8.90 30.96
C ILE B 227 13.77 -9.38 32.36
N LEU B 228 12.52 -9.21 32.83
CA LEU B 228 12.13 -9.66 34.17
C LEU B 228 10.88 -10.51 34.02
N LEU B 229 10.82 -11.68 34.68
CA LEU B 229 9.70 -12.56 34.35
C LEU B 229 9.36 -13.45 35.53
N ASN B 230 8.12 -13.88 35.58
CA ASN B 230 7.70 -15.02 36.39
C ASN B 230 6.84 -15.89 35.47
N SER B 231 6.04 -16.78 36.04
CA SER B 231 5.30 -17.68 35.17
C SER B 231 4.02 -17.03 34.61
N ASN B 232 3.65 -15.86 35.10
CA ASN B 232 2.45 -15.19 34.65
C ASN B 232 2.70 -13.95 33.80
N LYS B 233 3.78 -13.21 34.03
CA LYS B 233 3.99 -11.96 33.30
C LYS B 233 5.47 -11.84 32.95
N ILE B 234 5.76 -11.02 31.95
CA ILE B 234 7.13 -10.72 31.58
C ILE B 234 7.22 -9.22 31.37
N LYS B 235 8.28 -8.60 31.89
CA LYS B 235 8.49 -7.17 31.75
C LYS B 235 9.78 -6.92 30.98
N PHE B 236 9.73 -6.03 29.98
CA PHE B 236 10.92 -5.62 29.24
C PHE B 236 11.21 -4.16 29.57
N ILE B 237 12.44 -3.86 29.95
CA ILE B 237 12.86 -2.47 30.12
C ILE B 237 13.92 -2.24 29.06
N CYS B 238 13.51 -1.56 27.98
CA CYS B 238 14.36 -1.38 26.81
C CYS B 238 15.03 -0.02 26.91
N ASN B 239 16.35 -0.06 27.16
CA ASN B 239 17.16 1.16 27.19
C ASN B 239 16.56 2.17 28.16
N GLU B 240 16.15 1.69 29.33
CA GLU B 240 15.68 2.48 30.47
C GLU B 240 14.30 3.12 30.31
N ASN B 241 14.00 3.74 29.16
CA ASN B 241 12.85 4.66 29.06
C ASN B 241 11.60 4.05 28.46
N THR B 242 11.66 2.84 27.95
CA THR B 242 10.50 2.20 27.33
C THR B 242 10.27 0.90 28.07
N ILE B 243 9.11 0.77 28.71
CA ILE B 243 8.80 -0.41 29.50
C ILE B 243 7.55 -1.07 28.94
N MET B 244 7.63 -2.37 28.65
CA MET B 244 6.48 -3.13 28.18
C MET B 244 6.26 -4.32 29.10
N LEU B 245 5.06 -4.43 29.64
CA LEU B 245 4.64 -5.58 30.43
C LEU B 245 3.71 -6.44 29.58
N SER B 246 3.92 -7.74 29.56
CA SER B 246 3.08 -8.61 28.73
C SER B 246 2.56 -9.79 29.54
N LYS B 247 1.33 -10.21 29.26
CA LYS B 247 0.85 -11.50 29.74
C LYS B 247 1.64 -12.59 29.03
N LEU B 248 1.62 -13.79 29.60
CA LEU B 248 2.22 -14.95 28.98
C LEU B 248 1.11 -15.94 28.65
N ILE B 249 1.28 -16.70 27.58
CA ILE B 249 0.29 -17.73 27.27
C ILE B 249 0.42 -18.81 28.33
N ASP B 250 -0.64 -19.03 29.11
CA ASP B 250 -0.64 -20.02 30.18
C ASP B 250 -0.84 -21.37 29.53
N GLY B 251 0.23 -22.15 29.47
CA GLY B 251 0.17 -23.42 28.80
C GLY B 251 1.56 -24.00 28.67
N THR B 252 1.61 -25.15 28.01
CA THR B 252 2.81 -25.97 27.97
C THR B 252 3.34 -25.99 26.55
N PHE B 253 4.58 -25.51 26.35
CA PHE B 253 5.14 -25.59 25.01
C PHE B 253 5.58 -27.04 24.70
N PRO B 254 5.33 -27.52 23.48
CA PRO B 254 5.65 -28.92 23.16
C PRO B 254 7.14 -29.18 23.05
N ASP B 255 7.47 -30.47 23.06
CA ASP B 255 8.83 -30.95 22.83
C ASP B 255 9.20 -30.75 21.36
N TYR B 256 9.77 -29.59 21.02
CA TYR B 256 10.08 -29.31 19.63
C TYR B 256 11.36 -30.00 19.18
N SER B 257 12.09 -30.65 20.10
CA SER B 257 13.33 -31.30 19.68
C SER B 257 13.07 -32.43 18.67
N THR B 258 11.84 -32.95 18.58
CA THR B 258 11.53 -34.02 17.63
C THR B 258 11.63 -33.56 16.17
N PHE B 259 11.69 -32.25 15.91
CA PHE B 259 11.95 -31.82 14.54
C PHE B 259 13.41 -32.04 14.15
N ILE B 260 14.34 -32.11 15.09
CA ILE B 260 15.76 -32.18 14.72
C ILE B 260 16.09 -33.55 14.13
N PRO B 261 16.61 -33.64 12.90
CA PRO B 261 16.90 -34.96 12.31
C PRO B 261 17.92 -35.71 13.14
N GLU B 262 17.72 -37.03 13.26
CA GLU B 262 18.72 -37.83 13.99
C GLU B 262 20.04 -37.85 13.23
N SER B 263 19.99 -37.79 11.89
CA SER B 263 21.18 -37.77 11.06
C SER B 263 20.76 -37.20 9.71
N SER B 264 21.75 -36.89 8.88
CA SER B 264 21.51 -36.42 7.53
C SER B 264 22.44 -37.19 6.61
N SER B 265 21.92 -37.54 5.43
CA SER B 265 22.64 -38.29 4.40
C SER B 265 23.11 -37.42 3.25
N SER B 266 22.58 -36.21 3.06
CA SER B 266 23.16 -35.40 2.01
C SER B 266 23.03 -33.94 2.43
N LYS B 267 23.81 -33.10 1.77
CA LYS B 267 23.92 -31.68 2.11
C LYS B 267 24.02 -30.83 0.85
N LEU B 268 23.27 -29.75 0.83
CA LEU B 268 23.28 -28.75 -0.22
C LEU B 268 23.89 -27.47 0.35
N VAL B 269 24.83 -26.86 -0.38
CA VAL B 269 25.28 -25.49 -0.12
C VAL B 269 24.97 -24.65 -1.35
N ILE B 270 24.34 -23.49 -1.16
CA ILE B 270 23.84 -22.72 -2.31
C ILE B 270 23.82 -21.24 -1.95
N ASN B 271 23.99 -20.39 -2.95
CA ASN B 271 23.89 -18.94 -2.71
C ASN B 271 22.46 -18.61 -2.26
N ARG B 272 22.35 -17.88 -1.14
CA ARG B 272 21.07 -17.71 -0.46
C ARG B 272 20.08 -16.92 -1.31
N LYS B 273 20.52 -15.75 -1.80
CA LYS B 273 19.66 -14.91 -2.62
C LYS B 273 19.30 -15.58 -3.93
N MET B 274 20.27 -16.23 -4.57
CA MET B 274 19.96 -16.95 -5.82
C MET B 274 18.87 -17.96 -5.57
N PHE B 275 19.00 -18.74 -4.49
CA PHE B 275 18.01 -19.76 -4.15
C PHE B 275 16.64 -19.14 -3.84
N ALA B 276 16.61 -18.08 -3.02
CA ALA B 276 15.33 -17.44 -2.67
C ALA B 276 14.64 -16.88 -3.91
N ASP B 277 15.39 -16.25 -4.80
CA ASP B 277 14.79 -15.63 -5.99
C ASP B 277 14.20 -16.68 -6.92
N SER B 278 14.88 -17.84 -7.05
CA SER B 278 14.37 -18.88 -7.93
CA SER B 278 14.37 -18.88 -7.93
C SER B 278 13.15 -19.56 -7.34
N ILE B 279 13.19 -19.88 -6.04
CA ILE B 279 11.97 -20.37 -5.41
C ILE B 279 10.82 -19.41 -5.63
N GLU B 280 11.09 -18.10 -5.45
CA GLU B 280 9.99 -17.16 -5.56
C GLU B 280 9.40 -17.16 -6.98
N ARG B 281 10.25 -17.15 -8.02
CA ARG B 281 9.73 -17.19 -9.40
C ARG B 281 8.91 -18.44 -9.66
N ILE B 282 9.47 -19.59 -9.30
CA ILE B 282 8.81 -20.86 -9.63
C ILE B 282 7.49 -21.02 -8.85
N ALA B 283 7.42 -20.49 -7.64
CA ALA B 283 6.18 -20.61 -6.85
C ALA B 283 5.00 -19.82 -7.44
N ILE B 284 5.26 -18.89 -8.37
CA ILE B 284 4.17 -18.08 -8.92
C ILE B 284 3.08 -18.97 -9.54
N ILE B 285 3.48 -20.08 -10.18
CA ILE B 285 2.52 -20.90 -10.91
C ILE B 285 1.61 -21.72 -9.99
N THR B 286 1.93 -21.81 -8.68
CA THR B 286 1.18 -22.72 -7.82
C THR B 286 -0.19 -22.12 -7.48
N VAL B 287 -1.09 -22.96 -6.97
CA VAL B 287 -2.39 -22.49 -6.46
C VAL B 287 -2.43 -22.65 -4.95
N GLU B 288 -3.40 -21.95 -4.33
CA GLU B 288 -3.50 -21.95 -2.87
C GLU B 288 -3.68 -23.35 -2.32
N LYS B 289 -4.40 -24.22 -3.05
CA LYS B 289 -4.65 -25.58 -2.56
C LYS B 289 -3.41 -26.47 -2.53
N PHE B 290 -2.35 -26.12 -3.25
CA PHE B 290 -1.18 -27.00 -3.30
C PHE B 290 0.05 -26.09 -3.45
N ARG B 291 0.42 -25.41 -2.36
CA ARG B 291 1.59 -24.52 -2.37
C ARG B 291 2.82 -25.40 -2.15
N ALA B 292 3.47 -25.83 -3.25
CA ALA B 292 4.63 -26.68 -3.16
C ALA B 292 5.58 -26.42 -4.32
N VAL B 293 6.88 -26.40 -4.02
CA VAL B 293 7.90 -26.45 -5.07
C VAL B 293 8.68 -27.75 -4.87
N LYS B 294 9.13 -28.32 -5.98
CA LYS B 294 9.91 -29.55 -6.00
C LYS B 294 11.37 -29.21 -6.23
N LEU B 295 12.26 -29.68 -5.37
CA LEU B 295 13.71 -29.57 -5.52
C LEU B 295 14.21 -30.90 -6.04
N SER B 296 14.70 -30.93 -7.26
CA SER B 296 15.32 -32.17 -7.79
C SER B 296 16.82 -31.97 -7.76
N LEU B 297 17.46 -32.56 -6.76
CA LEU B 297 18.84 -32.24 -6.41
C LEU B 297 19.76 -33.28 -7.03
N SER B 298 20.83 -32.82 -7.64
CA SER B 298 21.93 -33.72 -8.04
C SER B 298 23.23 -32.95 -8.00
N ARG B 299 24.35 -33.68 -8.14
CA ARG B 299 25.65 -33.05 -8.12
C ARG B 299 25.76 -32.00 -9.23
N GLU B 300 25.22 -32.30 -10.42
CA GLU B 300 25.37 -31.41 -11.57
C GLU B 300 24.43 -30.21 -11.52
N THR B 301 23.16 -30.42 -11.20
CA THR B 301 22.19 -29.35 -11.23
C THR B 301 21.19 -29.53 -10.12
N LEU B 302 20.52 -28.42 -9.80
CA LEU B 302 19.28 -28.44 -9.05
C LEU B 302 18.19 -27.94 -9.98
N GLU B 303 17.10 -28.71 -10.11
CA GLU B 303 15.93 -28.23 -10.83
C GLU B 303 14.87 -27.88 -9.83
N ILE B 304 14.41 -26.62 -9.85
CA ILE B 304 13.32 -26.19 -8.99
C ILE B 304 12.08 -26.13 -9.87
N SER B 305 11.04 -26.89 -9.51
CA SER B 305 9.88 -26.96 -10.42
C SER B 305 8.59 -26.88 -9.62
N ALA B 306 7.48 -26.61 -10.31
CA ALA B 306 6.18 -26.54 -9.64
C ALA B 306 5.11 -26.67 -10.69
N VAL B 307 3.89 -27.02 -10.21
CA VAL B 307 2.72 -27.18 -11.04
C VAL B 307 1.59 -26.42 -10.36
N GLY B 308 0.62 -25.98 -11.15
CA GLY B 308 -0.56 -25.36 -10.60
C GLY B 308 -1.73 -25.89 -11.41
N GLU B 309 -2.68 -26.56 -10.76
CA GLU B 309 -3.82 -27.11 -11.46
C GLU B 309 -4.57 -26.03 -12.21
N ALA B 310 -4.88 -26.30 -13.47
CA ALA B 310 -5.51 -25.39 -14.40
C ALA B 310 -4.71 -24.10 -14.61
N ARG B 311 -3.48 -24.04 -14.15
CA ARG B 311 -2.66 -22.85 -14.41
C ARG B 311 -1.46 -23.17 -15.29
N GLY B 312 -0.66 -24.17 -14.91
CA GLY B 312 0.45 -24.52 -15.76
C GLY B 312 1.55 -25.15 -14.90
N ASN B 313 2.79 -24.97 -15.35
CA ASN B 313 3.92 -25.53 -14.61
C ASN B 313 5.15 -24.68 -14.91
N ALA B 314 6.25 -24.94 -14.21
CA ALA B 314 7.42 -24.09 -14.33
C ALA B 314 8.64 -24.87 -13.87
N LYS B 315 9.79 -24.50 -14.41
CA LYS B 315 11.03 -25.16 -14.02
C LYS B 315 12.22 -24.22 -14.21
N GLU B 316 13.11 -24.17 -13.24
CA GLU B 316 14.36 -23.42 -13.36
C GLU B 316 15.53 -24.33 -12.97
N VAL B 317 16.62 -24.21 -13.70
CA VAL B 317 17.79 -25.08 -13.56
C VAL B 317 18.92 -24.22 -13.00
N ILE B 318 19.56 -24.72 -11.93
CA ILE B 318 20.72 -24.11 -11.30
C ILE B 318 21.88 -25.09 -11.46
N ASN B 319 22.96 -24.63 -12.09
CA ASN B 319 24.10 -25.50 -12.37
C ASN B 319 25.12 -25.41 -11.25
N SER B 320 25.88 -26.50 -11.05
CA SER B 320 26.93 -26.47 -10.03
C SER B 320 27.90 -25.35 -10.34
N SER B 321 28.37 -24.67 -9.30
CA SER B 321 29.21 -23.49 -9.49
C SER B 321 29.95 -23.24 -8.21
N GLN B 322 31.22 -22.84 -8.34
CA GLN B 322 32.00 -22.45 -7.18
C GLN B 322 32.06 -20.94 -7.03
N ASP B 323 31.46 -20.19 -7.94
CA ASP B 323 31.41 -18.73 -7.81
C ASP B 323 30.45 -18.32 -6.72
N LYS B 324 30.92 -17.42 -5.85
CA LYS B 324 30.13 -17.04 -4.67
C LYS B 324 28.74 -16.58 -5.05
N GLU B 325 28.65 -15.75 -6.11
CA GLU B 325 27.38 -15.15 -6.51
C GLU B 325 26.39 -16.18 -7.09
N SER B 326 26.87 -17.32 -7.60
CA SER B 326 25.98 -18.35 -8.12
C SER B 326 26.21 -19.73 -7.47
N PHE B 327 26.74 -19.74 -6.25
CA PHE B 327 27.26 -20.98 -5.68
C PHE B 327 26.21 -22.10 -5.63
N TYR B 328 26.60 -23.30 -6.06
CA TYR B 328 25.78 -24.50 -5.88
C TYR B 328 26.68 -25.72 -5.81
N GLU B 329 26.50 -26.51 -4.74
CA GLU B 329 27.26 -27.74 -4.53
C GLU B 329 26.39 -28.70 -3.74
N TYR B 330 26.20 -29.92 -4.26
CA TYR B 330 25.41 -30.95 -3.62
C TYR B 330 26.25 -32.22 -3.52
N ASN B 331 26.46 -32.72 -2.30
CA ASN B 331 27.57 -33.66 -2.03
C ASN B 331 27.21 -35.11 -2.25
N SER B 332 26.38 -35.48 -3.21
CA SER B 332 25.95 -36.87 -3.24
C SER B 332 25.75 -37.35 -4.67
N ASP B 333 26.14 -38.60 -4.91
CA ASP B 333 25.89 -39.23 -6.20
C ASP B 333 24.43 -39.61 -6.39
N GLU B 334 23.65 -39.66 -5.31
CA GLU B 334 22.25 -40.01 -5.41
C GLU B 334 21.43 -38.78 -5.74
N SER B 335 20.35 -39.00 -6.45
CA SER B 335 19.45 -37.90 -6.75
C SER B 335 18.36 -37.86 -5.68
N LEU B 336 17.89 -36.66 -5.39
CA LEU B 336 16.87 -36.51 -4.37
C LEU B 336 15.86 -35.51 -4.89
N ALA B 337 14.59 -35.94 -4.99
CA ALA B 337 13.47 -35.07 -5.39
C ALA B 337 12.53 -34.92 -4.19
N ILE B 338 12.46 -33.73 -3.63
CA ILE B 338 11.76 -33.51 -2.37
C ILE B 338 11.04 -32.16 -2.45
N GLY B 339 9.81 -32.09 -1.91
CA GLY B 339 8.98 -30.92 -2.02
C GLY B 339 8.85 -30.11 -0.75
N PHE B 340 8.68 -28.79 -0.90
CA PHE B 340 8.47 -27.93 0.26
C PHE B 340 7.46 -26.87 -0.09
N ASN B 341 6.74 -26.40 0.91
CA ASN B 341 5.97 -25.18 0.78
C ASN B 341 6.95 -24.04 0.55
N PRO B 342 6.92 -23.36 -0.59
CA PRO B 342 7.94 -22.33 -0.85
C PRO B 342 7.93 -21.20 0.17
N GLN B 343 6.75 -20.88 0.75
CA GLN B 343 6.72 -19.81 1.74
C GLN B 343 7.57 -20.18 2.97
N TYR B 344 7.56 -21.46 3.36
CA TYR B 344 8.32 -21.86 4.56
C TYR B 344 9.82 -21.78 4.30
N LEU B 345 10.28 -22.06 3.06
CA LEU B 345 11.68 -21.86 2.71
C LEU B 345 12.04 -20.37 2.64
N GLU B 346 11.21 -19.58 1.95
CA GLU B 346 11.45 -18.14 1.86
C GLU B 346 11.50 -17.48 3.23
N ASP B 347 10.60 -17.89 4.14
CA ASP B 347 10.63 -17.33 5.50
C ASP B 347 12.01 -17.46 6.11
N VAL B 348 12.60 -18.66 6.00
CA VAL B 348 13.90 -18.95 6.58
C VAL B 348 15.00 -18.19 5.84
N LEU B 349 14.97 -18.24 4.49
CA LEU B 349 16.00 -17.62 3.67
C LEU B 349 16.06 -16.12 3.87
N LYS B 350 14.91 -15.48 4.11
CA LYS B 350 14.94 -14.04 4.41
C LYS B 350 15.26 -13.72 5.86
N ALA B 351 15.32 -14.70 6.75
CA ALA B 351 15.48 -14.34 8.15
C ALA B 351 16.92 -14.01 8.52
N VAL B 352 17.91 -14.56 7.80
CA VAL B 352 19.31 -14.37 8.13
C VAL B 352 20.05 -13.86 6.89
N LYS B 353 20.78 -12.75 7.07
CA LYS B 353 21.56 -12.12 5.99
C LYS B 353 22.91 -12.82 5.89
N SER B 354 23.06 -13.70 4.90
CA SER B 354 24.23 -14.53 4.71
C SER B 354 24.42 -14.75 3.20
N ASP B 355 25.67 -14.85 2.75
CA ASP B 355 25.93 -15.14 1.34
C ASP B 355 25.36 -16.50 0.95
N LEU B 356 25.68 -17.53 1.73
CA LEU B 356 25.35 -18.92 1.46
C LEU B 356 24.35 -19.41 2.49
N VAL B 357 23.72 -20.54 2.16
CA VAL B 357 22.85 -21.25 3.10
C VAL B 357 23.09 -22.75 2.90
N GLU B 358 22.98 -23.52 3.98
CA GLU B 358 23.17 -24.95 3.95
C GLU B 358 21.86 -25.67 4.24
N LEU B 359 21.60 -26.72 3.45
CA LEU B 359 20.42 -27.57 3.67
C LEU B 359 20.84 -29.03 3.82
N TYR B 360 20.37 -29.66 4.90
CA TYR B 360 20.72 -31.04 5.22
C TYR B 360 19.49 -31.94 5.10
N PHE B 361 19.62 -32.99 4.29
CA PHE B 361 18.53 -33.88 3.94
C PHE B 361 18.80 -35.30 4.41
N SER B 362 17.72 -36.08 4.53
CA SER B 362 17.81 -37.53 4.57
C SER B 362 16.91 -38.00 3.46
N ASP B 363 15.70 -38.52 3.73
CA ASP B 363 14.85 -39.01 2.64
C ASP B 363 13.71 -38.03 2.30
N VAL B 364 12.92 -38.35 1.27
CA VAL B 364 11.89 -37.45 0.75
C VAL B 364 10.80 -37.14 1.77
N SER B 365 10.61 -38.00 2.76
CA SER B 365 9.57 -37.80 3.74
C SER B 365 10.09 -37.20 5.03
N ALA B 366 11.38 -36.90 5.11
CA ALA B 366 11.96 -36.43 6.35
C ALA B 366 12.25 -34.93 6.27
N PRO B 367 12.38 -34.26 7.41
CA PRO B 367 12.61 -32.82 7.40
C PRO B 367 13.95 -32.43 6.78
N VAL B 368 14.05 -31.17 6.38
CA VAL B 368 15.32 -30.55 6.02
C VAL B 368 15.75 -29.67 7.19
N LEU B 369 17.02 -29.72 7.51
CA LEU B 369 17.60 -28.81 8.50
C LEU B 369 18.39 -27.74 7.75
N ILE B 370 18.18 -26.50 8.13
CA ILE B 370 18.77 -25.36 7.42
C ILE B 370 19.62 -24.56 8.39
N LYS B 371 20.85 -24.27 7.99
CA LYS B 371 21.65 -23.33 8.75
C LYS B 371 22.46 -22.47 7.81
N PHE B 372 22.92 -21.34 8.36
CA PHE B 372 23.70 -20.36 7.65
C PHE B 372 25.11 -20.34 8.20
N PRO B 373 26.14 -20.51 7.37
CA PRO B 373 27.49 -20.50 7.91
C PRO B 373 27.72 -19.13 8.54
N GLU B 374 28.51 -19.12 9.57
CA GLU B 374 28.86 -17.94 10.35
C GLU B 374 27.70 -17.49 11.22
N ASN B 375 26.62 -18.26 11.29
CA ASN B 375 25.52 -17.98 12.23
C ASN B 375 25.22 -19.25 13.00
N PRO B 376 26.08 -19.62 13.94
CA PRO B 376 25.94 -20.93 14.61
C PRO B 376 24.87 -20.97 15.67
N LYS B 377 24.12 -19.89 15.89
CA LYS B 377 23.12 -19.91 16.97
C LYS B 377 21.74 -19.62 16.41
N ASP B 378 21.51 -20.11 15.20
CA ASP B 378 20.22 -20.07 14.52
C ASP B 378 20.04 -21.39 13.82
N ILE B 379 18.94 -22.11 14.10
CA ILE B 379 18.68 -23.44 13.52
C ILE B 379 17.24 -23.46 13.06
N PHE B 380 16.98 -23.99 11.87
CA PHE B 380 15.63 -24.03 11.30
C PHE B 380 15.39 -25.41 10.72
N VAL B 381 14.15 -25.90 10.84
CA VAL B 381 13.75 -27.19 10.28
C VAL B 381 12.44 -26.96 9.52
N VAL B 382 12.34 -27.49 8.30
CA VAL B 382 11.10 -27.38 7.52
C VAL B 382 10.69 -28.79 7.11
N MET B 383 9.38 -29.16 7.34
CA MET B 383 8.91 -30.46 6.89
C MET B 383 8.61 -30.45 5.40
N PRO B 384 8.82 -31.55 4.70
CA PRO B 384 8.54 -31.59 3.25
C PRO B 384 7.06 -31.84 3.01
N VAL B 385 6.68 -31.69 1.74
CA VAL B 385 5.35 -32.04 1.29
C VAL B 385 5.50 -32.97 0.08
N LYS B 386 4.53 -33.86 -0.11
CA LYS B 386 4.59 -34.80 -1.21
C LYS B 386 4.42 -34.08 -2.54
N VAL B 387 5.32 -34.33 -3.49
CA VAL B 387 5.26 -33.70 -4.84
C VAL B 387 5.46 -34.77 -5.95
C1 EDO C . -17.01 -1.84 -25.91
O1 EDO C . -15.92 -2.65 -25.63
C2 EDO C . -16.59 -0.94 -27.05
O2 EDO C . -16.23 -1.75 -28.17
C1 EDO D . 25.12 -34.98 5.06
O1 EDO D . 26.16 -35.06 4.06
C2 EDO D . 25.70 -34.74 6.43
O2 EDO D . 26.65 -33.67 6.34
C1 EDO E . 24.86 -23.87 21.71
O1 EDO E . 25.66 -22.75 21.20
C2 EDO E . 25.37 -25.32 21.52
O2 EDO E . 24.58 -26.16 20.64
C1 EDO F . 4.25 -29.20 18.11
O1 EDO F . 5.03 -30.29 18.65
C2 EDO F . 4.23 -29.30 16.58
O2 EDO F . 3.02 -29.96 16.21
#